data_1CR6
#
_entry.id   1CR6
#
_cell.length_a   151.900
_cell.length_b   143.000
_cell.length_c   60.000
_cell.angle_alpha   90.00
_cell.angle_beta   90.00
_cell.angle_gamma   90.00
#
_symmetry.space_group_name_H-M   'P 21 21 2'
#
loop_
_entity.id
_entity.type
_entity.pdbx_description
1 polymer 'EPOXIDE HYDROLASE'
2 non-polymer "N-CYCLOHEXYL-N'-(PROPYL)PHENYL UREA"
3 water water
#
_entity_poly.entity_id   1
_entity_poly.type   'polypeptide(L)'
_entity_poly.pdbx_seq_one_letter_code
;MALRVAAFDLDGVLALPSIAGAFRRSEEALALPRDFLLGAYQTEFPEGPTEQLMKGKITFSQWVPLMDESYRKSSKACGA
NLPENFSISQIFSQAMAARSINRPMLQAAIALKKKGFTTCIVTNNWLDDGDKRDSLAQMMCELSQHFDFLIESCQVGMIK
PEPQIYNFLLDTLKAKPNEVVFLDDFGSNLKPARDMGMVTILVHNTASALRELEKVTGTQFPEAPLPVPCNPNDVSHGYV
TVKPGIRLHFVEMGSGPALCLCHGFPESWFSWRYQIPALAQAGFRVLAIDMKGYGDSSSPPEIEEYAMELLCKEMVTFLD
KLGIPQAVFIGHDWAGVMVWNMALFYPERVRAVASLNTPFMPPDPDVSPMKVIRSIPVFNYQLYFQEPGVAEAELEKNMS
RTFKSFFRASDETGFIAVHKATEIGGILVNTPEDPNLSKITTEEEIEFYIQQFKKTGFRGPLNWYRNTERNWKWSCKGLG
RKILVPALMVTAEKDIVLRPEMSKNMEKWIPFLKRGHIEDCGHWTQIEKPTEVNQILIKWLQTEVQNPSVTSKI
;
_entity_poly.pdbx_strand_id   A,B
#
loop_
_chem_comp.id
_chem_comp.type
_chem_comp.name
_chem_comp.formula
CPU non-polymer 'N-CYCLOHEXYL-N'-(PROPYL)PHENYL UREA' 'C16 H24 N2 O'
#
# COMPACT_ATOMS: atom_id res chain seq x y z
N ARG A 4 -16.87 35.32 -0.45
CA ARG A 4 -17.41 34.85 0.87
C ARG A 4 -16.76 33.53 1.26
N VAL A 5 -16.51 33.37 2.55
CA VAL A 5 -15.85 32.17 3.08
C VAL A 5 -16.51 31.76 4.41
N ALA A 6 -16.08 30.63 4.98
CA ALA A 6 -16.65 30.15 6.24
C ALA A 6 -15.67 29.44 7.14
N ALA A 7 -15.74 29.75 8.43
CA ALA A 7 -14.85 29.14 9.40
C ALA A 7 -15.59 28.32 10.48
N PHE A 8 -14.92 27.30 10.97
CA PHE A 8 -15.51 26.46 11.99
C PHE A 8 -14.47 26.23 13.08
N ASP A 9 -14.94 25.93 14.29
CA ASP A 9 -14.07 25.69 15.45
C ASP A 9 -14.21 24.25 15.93
N LEU A 10 -13.18 23.46 15.71
CA LEU A 10 -13.19 22.08 16.16
C LEU A 10 -13.76 21.90 17.59
N ASP A 11 -13.10 22.54 18.58
CA ASP A 11 -13.44 22.51 20.01
C ASP A 11 -14.78 21.89 20.38
N GLY A 12 -15.77 22.17 19.52
CA GLY A 12 -17.13 21.66 19.67
C GLY A 12 -18.07 22.08 18.54
N VAL A 13 -17.59 22.17 17.30
CA VAL A 13 -18.50 22.56 16.22
C VAL A 13 -18.37 21.55 15.11
N LEU A 14 -17.15 21.15 14.80
CA LEU A 14 -17.00 20.16 13.77
C LEU A 14 -16.72 18.85 14.48
N ALA A 15 -16.58 18.89 15.82
CA ALA A 15 -16.36 17.66 16.60
C ALA A 15 -17.03 17.71 17.98
N LEU A 16 -17.80 16.66 18.27
CA LEU A 16 -18.51 16.53 19.54
C LEU A 16 -18.42 15.10 20.06
N PRO A 17 -18.71 14.88 21.36
CA PRO A 17 -19.12 15.87 22.36
C PRO A 17 -18.06 16.93 22.66
N SER A 18 -18.50 18.17 22.82
CA SER A 18 -17.58 19.24 23.12
C SER A 18 -16.58 18.77 24.16
N ILE A 19 -15.49 19.50 24.34
CA ILE A 19 -14.49 19.12 25.33
C ILE A 19 -14.64 19.96 26.58
N GLY A 48 -3.17 30.45 32.10
CA GLY A 48 -1.71 30.42 32.45
C GLY A 48 -0.99 29.23 31.83
N PRO A 49 -0.93 28.08 32.53
CA PRO A 49 -0.29 26.83 32.06
C PRO A 49 -1.08 26.17 30.93
N THR A 50 -2.30 26.65 30.73
CA THR A 50 -3.15 26.14 29.68
C THR A 50 -3.27 27.28 28.70
N GLU A 51 -3.08 28.47 29.24
CA GLU A 51 -3.12 29.70 28.46
C GLU A 51 -2.04 29.60 27.40
N GLN A 52 -1.14 28.64 27.54
CA GLN A 52 -0.05 28.53 26.56
C GLN A 52 0.13 27.17 25.93
N LEU A 53 -0.40 26.14 26.57
CA LEU A 53 -0.33 24.79 26.04
C LEU A 53 -1.07 24.93 24.72
N MET A 54 -2.11 25.74 24.77
CA MET A 54 -2.92 26.02 23.61
C MET A 54 -2.12 26.84 22.61
N LYS A 55 -1.47 27.91 23.08
CA LYS A 55 -0.68 28.78 22.21
C LYS A 55 0.41 27.94 21.58
N GLY A 56 0.74 26.85 22.25
CA GLY A 56 1.73 25.94 21.72
C GLY A 56 3.13 25.94 22.29
N LYS A 57 3.33 26.50 23.48
CA LYS A 57 4.64 26.55 24.13
C LYS A 57 4.93 25.20 24.81
N ILE A 58 3.86 24.56 25.24
CA ILE A 58 3.94 23.28 25.93
C ILE A 58 3.04 22.23 25.29
N THR A 59 3.45 20.97 25.38
CA THR A 59 2.63 19.91 24.80
C THR A 59 1.61 19.40 25.80
N PHE A 60 1.16 18.18 25.57
CA PHE A 60 0.15 17.57 26.41
C PHE A 60 0.73 17.01 27.71
N SER A 61 1.33 15.84 27.58
CA SER A 61 1.93 15.16 28.71
C SER A 61 2.80 16.15 29.49
N GLN A 62 3.10 17.27 28.84
CA GLN A 62 3.88 18.31 29.47
C GLN A 62 2.88 18.99 30.42
N TRP A 63 2.15 18.18 31.20
CA TRP A 63 1.13 18.70 32.14
C TRP A 63 1.08 18.02 33.55
N GLN A 90 -6.59 15.11 34.59
CA GLN A 90 -5.95 13.97 33.84
C GLN A 90 -6.93 13.23 32.91
N ILE A 91 -7.98 12.66 33.51
CA ILE A 91 -9.01 11.93 32.75
C ILE A 91 -9.76 12.98 31.91
N PHE A 92 -9.15 13.28 30.78
CA PHE A 92 -9.64 14.27 29.84
C PHE A 92 -9.31 13.68 28.48
N SER A 93 -8.28 12.83 28.45
CA SER A 93 -7.85 12.17 27.22
C SER A 93 -9.02 11.35 26.70
N GLN A 94 -9.63 10.56 27.57
CA GLN A 94 -10.79 9.76 27.16
C GLN A 94 -11.80 10.72 26.52
N ALA A 95 -12.10 11.83 27.21
CA ALA A 95 -13.04 12.84 26.72
C ALA A 95 -12.73 13.20 25.26
N MET A 96 -11.45 13.46 25.00
CA MET A 96 -10.99 13.80 23.66
C MET A 96 -11.31 12.62 22.73
N ALA A 97 -10.89 11.42 23.15
CA ALA A 97 -11.11 10.19 22.39
C ALA A 97 -12.60 10.01 22.12
N ALA A 98 -13.37 9.88 23.20
CA ALA A 98 -14.81 9.71 23.11
C ALA A 98 -15.55 10.77 22.28
N ARG A 99 -14.82 11.70 21.66
CA ARG A 99 -15.47 12.71 20.84
C ARG A 99 -15.23 12.40 19.36
N SER A 100 -16.09 12.94 18.48
CA SER A 100 -15.97 12.66 17.04
C SER A 100 -16.52 13.75 16.08
N ILE A 101 -16.57 13.43 14.80
CA ILE A 101 -17.06 14.39 13.82
C ILE A 101 -18.58 14.65 13.89
N ASN A 102 -18.93 15.88 13.56
CA ASN A 102 -20.30 16.40 13.54
C ASN A 102 -20.64 16.45 12.06
N ARG A 103 -21.12 15.32 11.56
CA ARG A 103 -21.46 15.13 10.16
C ARG A 103 -22.31 16.19 9.46
N PRO A 104 -23.36 16.69 10.12
CA PRO A 104 -24.11 17.72 9.37
C PRO A 104 -23.24 18.96 9.18
N MET A 105 -22.37 19.23 10.16
CA MET A 105 -21.49 20.39 10.11
C MET A 105 -20.44 20.19 9.02
N LEU A 106 -19.85 19.01 9.03
CA LEU A 106 -18.85 18.66 8.05
C LEU A 106 -19.57 18.66 6.71
N GLN A 107 -20.78 18.12 6.73
CA GLN A 107 -21.60 18.09 5.52
C GLN A 107 -21.74 19.53 5.10
N ALA A 108 -22.48 20.28 5.92
CA ALA A 108 -22.70 21.70 5.67
C ALA A 108 -21.45 22.32 5.07
N ALA A 109 -20.29 22.01 5.64
CA ALA A 109 -19.00 22.52 5.17
C ALA A 109 -18.61 22.13 3.74
N ILE A 110 -18.68 20.83 3.45
CA ILE A 110 -18.35 20.35 2.12
C ILE A 110 -19.34 20.92 1.11
N ALA A 111 -20.50 21.30 1.63
CA ALA A 111 -21.52 21.88 0.81
C ALA A 111 -20.88 23.14 0.35
N LEU A 112 -20.80 24.09 1.26
CA LEU A 112 -20.20 25.38 0.97
C LEU A 112 -18.87 25.25 0.20
N LYS A 113 -18.08 24.22 0.50
CA LYS A 113 -16.84 24.09 -0.25
C LYS A 113 -17.23 23.87 -1.71
N LYS A 114 -18.18 22.94 -1.92
CA LYS A 114 -18.70 22.61 -3.26
C LYS A 114 -19.42 23.79 -3.90
N LYS A 115 -20.00 24.67 -3.08
CA LYS A 115 -20.70 25.85 -3.56
C LYS A 115 -19.72 26.95 -4.02
N GLY A 116 -18.42 26.69 -3.80
CA GLY A 116 -17.39 27.65 -4.18
C GLY A 116 -17.03 28.67 -3.11
N PHE A 117 -16.89 28.20 -1.88
CA PHE A 117 -16.55 29.04 -0.72
C PHE A 117 -15.18 28.66 -0.25
N THR A 118 -14.66 29.44 0.67
CA THR A 118 -13.38 29.08 1.17
C THR A 118 -13.68 28.53 2.54
N THR A 119 -13.48 27.25 2.67
CA THR A 119 -13.77 26.57 3.91
C THR A 119 -12.56 26.50 4.84
N CYS A 120 -12.78 26.80 6.11
CA CYS A 120 -11.68 26.69 7.05
C CYS A 120 -12.04 26.50 8.53
N ILE A 121 -11.01 26.11 9.29
CA ILE A 121 -11.09 25.86 10.71
C ILE A 121 -10.01 26.72 11.41
N VAL A 122 -10.40 27.46 12.44
CA VAL A 122 -9.46 28.26 13.22
C VAL A 122 -9.80 27.88 14.68
N THR A 123 -8.95 27.07 15.27
CA THR A 123 -9.25 26.58 16.59
C THR A 123 -8.14 26.77 17.61
N ASN A 124 -8.54 26.74 18.89
CA ASN A 124 -7.60 26.84 20.00
C ASN A 124 -7.23 25.38 20.24
N ASN A 125 -6.17 24.96 19.55
CA ASN A 125 -5.61 23.63 19.56
C ASN A 125 -4.72 23.34 20.80
N TRP A 126 -3.73 22.50 20.55
CA TRP A 126 -2.72 22.05 21.51
C TRP A 126 -2.04 20.87 20.84
N LEU A 127 -0.85 20.51 21.29
CA LEU A 127 -0.12 19.39 20.70
C LEU A 127 -0.29 18.18 21.60
N ASP A 128 -0.64 17.05 21.01
CA ASP A 128 -0.86 15.85 21.81
C ASP A 128 0.24 14.78 21.72
N ASP A 129 1.02 14.61 22.78
CA ASP A 129 2.04 13.55 22.80
C ASP A 129 1.41 12.38 23.57
N GLY A 130 0.09 12.47 23.76
CA GLY A 130 -0.68 11.46 24.47
C GLY A 130 -0.66 10.02 23.96
N ASP A 131 -1.46 9.17 24.59
CA ASP A 131 -1.54 7.76 24.19
C ASP A 131 -2.74 7.56 23.25
N LYS A 132 -3.78 8.36 23.44
CA LYS A 132 -4.95 8.26 22.61
C LYS A 132 -4.81 9.39 21.60
N ARG A 133 -3.56 9.58 21.21
CA ARG A 133 -3.10 10.61 20.26
C ARG A 133 -3.73 10.42 18.85
N ASP A 134 -3.64 9.19 18.33
CA ASP A 134 -4.19 8.82 17.03
C ASP A 134 -5.64 9.22 16.76
N SER A 135 -6.44 9.29 17.80
CA SER A 135 -7.85 9.65 17.63
C SER A 135 -7.91 11.00 16.95
N LEU A 136 -7.06 11.90 17.44
CA LEU A 136 -6.93 13.29 16.96
C LEU A 136 -6.42 13.32 15.54
N ALA A 137 -5.45 12.48 15.26
CA ALA A 137 -4.89 12.37 13.92
C ALA A 137 -6.03 12.09 12.93
N GLN A 138 -6.69 10.94 13.14
CA GLN A 138 -7.81 10.48 12.30
C GLN A 138 -8.84 11.57 12.01
N MET A 139 -9.26 12.27 13.05
CA MET A 139 -10.24 13.34 12.89
C MET A 139 -9.63 14.42 12.06
N MET A 140 -8.36 14.67 12.34
CA MET A 140 -7.67 15.70 11.61
C MET A 140 -7.35 15.22 10.22
N CYS A 141 -7.00 13.94 10.13
CA CYS A 141 -6.66 13.40 8.85
C CYS A 141 -7.80 13.57 7.92
N GLU A 142 -8.98 13.23 8.44
CA GLU A 142 -10.25 13.28 7.72
C GLU A 142 -10.79 14.67 7.36
N LEU A 143 -10.84 15.56 8.35
CA LEU A 143 -11.32 16.95 8.15
C LEU A 143 -10.49 17.71 7.09
N SER A 144 -9.21 17.38 7.09
CA SER A 144 -8.21 17.95 6.21
C SER A 144 -8.60 18.18 4.77
N GLN A 145 -9.32 17.23 4.21
CA GLN A 145 -9.68 17.34 2.82
C GLN A 145 -10.76 18.35 2.52
N HIS A 146 -11.50 18.71 3.55
CA HIS A 146 -12.60 19.61 3.32
C HIS A 146 -12.37 21.06 3.71
N PHE A 147 -11.19 21.38 4.22
CA PHE A 147 -10.97 22.76 4.58
C PHE A 147 -9.72 23.24 3.88
N ASP A 148 -9.74 24.49 3.43
CA ASP A 148 -8.61 25.10 2.71
C ASP A 148 -7.42 25.52 3.59
N PHE A 149 -7.70 26.21 4.68
CA PHE A 149 -6.65 26.68 5.60
C PHE A 149 -6.87 26.14 7.00
N LEU A 150 -5.77 25.83 7.67
CA LEU A 150 -5.93 25.36 9.05
C LEU A 150 -5.14 26.24 10.02
N ILE A 151 -5.88 27.17 10.62
CA ILE A 151 -5.39 28.12 11.60
C ILE A 151 -5.49 27.57 13.04
N GLU A 152 -4.53 26.75 13.45
CA GLU A 152 -4.62 26.21 14.80
C GLU A 152 -3.82 26.99 15.80
N SER A 153 -4.50 27.54 16.81
CA SER A 153 -3.86 28.29 17.88
C SER A 153 -2.46 27.77 18.20
N CYS A 154 -2.38 26.57 18.76
CA CYS A 154 -1.11 25.96 19.13
C CYS A 154 -0.02 25.96 18.05
N GLN A 155 -0.35 26.42 16.84
CA GLN A 155 0.61 26.45 15.76
C GLN A 155 1.15 27.87 15.48
N VAL A 156 0.26 28.84 15.33
CA VAL A 156 0.68 30.22 15.08
C VAL A 156 0.81 31.06 16.36
N GLY A 157 0.69 30.39 17.50
CA GLY A 157 0.79 31.07 18.78
C GLY A 157 -0.10 32.29 19.03
N MET A 158 -1.39 32.09 19.23
CA MET A 158 -2.32 33.19 19.54
C MET A 158 -3.75 32.69 19.76
N ILE A 159 -3.99 32.21 20.96
CA ILE A 159 -5.28 31.67 21.37
C ILE A 159 -6.43 32.66 21.19
N LYS A 160 -7.64 32.08 21.16
CA LYS A 160 -8.88 32.83 21.06
C LYS A 160 -9.26 33.20 22.50
N PRO A 161 -9.84 34.38 22.71
CA PRO A 161 -10.18 35.43 21.76
C PRO A 161 -9.18 36.56 21.52
N GLU A 162 -7.87 36.27 21.64
CA GLU A 162 -6.88 37.30 21.37
C GLU A 162 -7.10 37.76 19.88
N PRO A 163 -7.47 39.04 19.67
CA PRO A 163 -7.71 39.58 18.33
C PRO A 163 -6.65 39.43 17.26
N GLN A 164 -5.48 38.89 17.60
CA GLN A 164 -4.43 38.71 16.60
C GLN A 164 -4.76 37.61 15.59
N ILE A 165 -5.41 36.56 16.11
CA ILE A 165 -5.84 35.38 15.34
C ILE A 165 -6.85 35.78 14.26
N TYR A 166 -7.84 36.58 14.66
CA TYR A 166 -8.85 37.03 13.73
C TYR A 166 -8.17 37.89 12.68
N ASN A 167 -7.22 38.71 13.13
CA ASN A 167 -6.49 39.59 12.22
C ASN A 167 -5.67 38.74 11.25
N PHE A 168 -5.14 37.65 11.77
CA PHE A 168 -4.33 36.72 11.00
C PHE A 168 -5.12 35.81 10.06
N LEU A 169 -6.30 35.38 10.51
CA LEU A 169 -7.13 34.52 9.70
C LEU A 169 -7.51 35.28 8.44
N LEU A 170 -7.65 36.59 8.60
CA LEU A 170 -8.01 37.42 7.48
C LEU A 170 -6.82 37.68 6.53
N ASP A 171 -5.64 37.93 7.10
CA ASP A 171 -4.46 38.18 6.27
C ASP A 171 -4.17 36.91 5.49
N THR A 172 -4.37 35.79 6.17
CA THR A 172 -4.14 34.49 5.58
C THR A 172 -5.15 34.32 4.50
N LEU A 173 -6.42 34.32 4.91
CA LEU A 173 -7.54 34.17 3.99
C LEU A 173 -7.52 35.20 2.85
N LYS A 174 -7.05 36.40 3.16
CA LYS A 174 -6.98 37.49 2.16
C LYS A 174 -8.38 37.98 1.84
N ALA A 175 -9.04 38.59 2.83
CA ALA A 175 -10.38 39.09 2.60
C ALA A 175 -10.93 39.95 3.72
N LYS A 176 -12.09 40.55 3.42
CA LYS A 176 -12.82 41.40 4.34
C LYS A 176 -13.46 40.54 5.41
N PRO A 177 -13.60 41.07 6.64
CA PRO A 177 -14.21 40.38 7.79
C PRO A 177 -15.71 40.15 7.61
N ASN A 178 -16.30 40.90 6.68
CA ASN A 178 -17.70 40.81 6.35
C ASN A 178 -17.86 39.71 5.30
N GLU A 179 -16.76 39.39 4.62
CA GLU A 179 -16.75 38.35 3.59
C GLU A 179 -16.69 36.95 4.18
N VAL A 180 -16.56 36.87 5.50
CA VAL A 180 -16.46 35.60 6.21
C VAL A 180 -17.49 35.46 7.34
N VAL A 181 -17.78 34.21 7.70
CA VAL A 181 -18.74 33.89 8.77
C VAL A 181 -18.07 32.92 9.74
N PHE A 182 -18.02 33.33 11.00
CA PHE A 182 -17.39 32.53 12.00
C PHE A 182 -18.35 31.68 12.79
N LEU A 183 -17.97 30.43 12.98
CA LEU A 183 -18.77 29.47 13.74
C LEU A 183 -18.08 28.95 14.98
N ASP A 184 -18.36 29.54 16.13
CA ASP A 184 -17.76 29.09 17.38
C ASP A 184 -18.91 28.65 18.28
N ASP A 185 -18.59 27.85 19.30
CA ASP A 185 -19.60 27.35 20.23
C ASP A 185 -19.50 28.01 21.59
N PHE A 186 -18.62 29.02 21.69
CA PHE A 186 -18.39 29.76 22.93
C PHE A 186 -18.94 31.18 22.94
N GLY A 187 -19.19 31.74 21.75
CA GLY A 187 -19.72 33.09 21.68
C GLY A 187 -18.83 34.17 22.29
N SER A 188 -18.11 33.83 23.35
CA SER A 188 -17.21 34.78 24.00
C SER A 188 -16.00 34.93 23.08
N ASN A 189 -15.90 34.02 22.12
CA ASN A 189 -14.84 34.01 21.12
C ASN A 189 -15.44 34.62 19.84
N LEU A 190 -16.73 34.88 19.85
CA LEU A 190 -17.37 35.46 18.68
C LEU A 190 -17.53 36.96 18.78
N LYS A 191 -17.28 37.52 19.97
CA LYS A 191 -17.41 38.97 20.16
C LYS A 191 -16.47 39.69 19.19
N PRO A 192 -15.15 39.48 19.34
CA PRO A 192 -14.18 40.12 18.44
C PRO A 192 -14.55 39.96 16.96
N ALA A 193 -15.00 38.75 16.62
CA ALA A 193 -15.39 38.38 15.25
C ALA A 193 -16.48 39.28 14.69
N ARG A 194 -17.59 39.38 15.41
CA ARG A 194 -18.67 40.26 14.96
C ARG A 194 -18.12 41.67 15.05
N ASP A 195 -17.37 41.92 16.13
CA ASP A 195 -16.73 43.21 16.41
C ASP A 195 -15.98 43.73 15.18
N MET A 196 -15.16 42.86 14.62
CA MET A 196 -14.34 43.18 13.44
C MET A 196 -15.23 43.48 12.24
N GLY A 197 -16.48 43.07 12.32
CA GLY A 197 -17.40 43.28 11.21
C GLY A 197 -17.56 41.95 10.50
N MET A 198 -17.63 40.90 11.31
CA MET A 198 -17.78 39.55 10.80
C MET A 198 -19.18 39.03 11.02
N VAL A 199 -19.45 37.93 10.34
CA VAL A 199 -20.73 37.28 10.42
C VAL A 199 -20.57 36.18 11.45
N THR A 200 -21.22 36.38 12.59
CA THR A 200 -21.16 35.46 13.72
C THR A 200 -22.40 34.59 13.92
N ILE A 201 -22.25 33.28 13.76
CA ILE A 201 -23.36 32.35 14.01
C ILE A 201 -22.91 31.61 15.27
N LEU A 202 -23.83 31.40 16.21
CA LEU A 202 -23.50 30.73 17.48
C LEU A 202 -23.92 29.28 17.48
N VAL A 203 -23.01 28.39 17.83
CA VAL A 203 -23.37 26.98 17.85
C VAL A 203 -23.95 26.56 19.19
N HIS A 204 -25.26 26.70 19.29
CA HIS A 204 -26.01 26.35 20.50
C HIS A 204 -26.54 24.89 20.38
N ASN A 205 -27.41 24.62 19.40
CA ASN A 205 -27.96 23.28 19.18
C ASN A 205 -26.84 22.39 18.64
N THR A 206 -27.09 21.10 18.49
CA THR A 206 -26.03 20.26 17.97
C THR A 206 -25.85 20.57 16.47
N ALA A 207 -26.16 21.81 16.09
CA ALA A 207 -25.99 22.31 14.72
C ALA A 207 -27.23 22.52 13.88
N SER A 208 -28.38 22.58 14.53
CA SER A 208 -29.65 22.73 13.85
C SER A 208 -30.06 24.17 13.48
N ALA A 209 -30.44 24.95 14.49
CA ALA A 209 -30.83 26.33 14.25
C ALA A 209 -29.55 26.94 13.77
N LEU A 210 -28.47 26.23 14.08
CA LEU A 210 -27.14 26.63 13.69
C LEU A 210 -27.10 26.62 12.16
N ARG A 211 -26.93 25.42 11.59
CA ARG A 211 -26.87 25.27 10.15
C ARG A 211 -28.14 25.79 9.47
N GLU A 212 -29.09 26.26 10.29
CA GLU A 212 -30.33 26.84 9.78
C GLU A 212 -29.99 28.27 9.40
N LEU A 213 -29.28 28.96 10.30
CA LEU A 213 -28.82 30.33 10.11
C LEU A 213 -27.71 30.27 9.08
N GLU A 214 -27.27 29.05 8.83
CA GLU A 214 -26.24 28.78 7.88
C GLU A 214 -26.89 28.85 6.52
N LYS A 215 -27.91 28.01 6.36
CA LYS A 215 -28.68 27.96 5.14
C LYS A 215 -29.10 29.40 4.82
N VAL A 216 -29.32 30.19 5.87
CA VAL A 216 -29.74 31.59 5.70
C VAL A 216 -28.72 32.42 4.93
N THR A 217 -27.54 32.50 5.50
CA THR A 217 -26.47 33.25 4.91
C THR A 217 -26.15 32.75 3.47
N GLY A 218 -26.05 31.43 3.27
CA GLY A 218 -25.79 30.92 1.94
C GLY A 218 -27.05 30.29 1.36
N THR A 219 -27.04 28.95 1.26
CA THR A 219 -28.20 28.21 0.76
C THR A 219 -28.43 26.91 1.52
N GLN A 220 -29.39 26.11 1.03
CA GLN A 220 -29.82 24.86 1.66
C GLN A 220 -28.98 23.60 1.51
N PHE A 221 -28.63 23.01 2.64
CA PHE A 221 -27.88 21.78 2.64
C PHE A 221 -28.92 20.74 3.02
N PRO A 222 -28.86 19.54 2.43
CA PRO A 222 -29.86 18.53 2.80
C PRO A 222 -29.72 18.05 4.22
N GLU A 223 -30.45 16.98 4.52
CA GLU A 223 -30.45 16.37 5.84
C GLU A 223 -29.83 14.97 5.76
N ALA A 224 -30.40 14.11 4.91
CA ALA A 224 -29.86 12.77 4.71
C ALA A 224 -29.21 12.88 3.34
N PRO A 225 -27.90 13.21 3.32
CA PRO A 225 -27.08 13.38 2.12
C PRO A 225 -26.28 12.17 1.73
N LEU A 226 -25.63 12.29 0.59
CA LEU A 226 -24.81 11.21 0.08
C LEU A 226 -23.49 11.21 0.83
N PRO A 227 -22.82 10.07 0.86
CA PRO A 227 -21.55 10.03 1.56
C PRO A 227 -20.47 10.72 0.73
N VAL A 228 -19.58 11.40 1.45
CA VAL A 228 -18.46 12.12 0.87
C VAL A 228 -17.74 11.32 -0.21
N PRO A 229 -17.62 11.89 -1.41
CA PRO A 229 -16.96 11.30 -2.59
C PRO A 229 -15.53 11.74 -2.87
N CYS A 230 -14.55 10.94 -2.45
CA CYS A 230 -13.12 11.23 -2.67
C CYS A 230 -12.87 11.73 -4.08
N ASN A 231 -11.76 12.45 -4.25
CA ASN A 231 -11.41 12.96 -5.57
C ASN A 231 -10.65 14.22 -5.41
N PRO A 232 -10.12 14.70 -6.53
CA PRO A 232 -10.25 14.02 -7.82
C PRO A 232 -8.87 13.53 -8.20
N ASN A 233 -7.93 14.41 -7.87
CA ASN A 233 -6.50 14.32 -8.07
C ASN A 233 -5.91 14.81 -6.73
N ASP A 234 -6.76 14.79 -5.71
CA ASP A 234 -6.36 15.13 -4.37
C ASP A 234 -6.07 13.81 -3.68
N VAL A 235 -5.82 12.77 -4.48
CA VAL A 235 -5.56 11.40 -3.98
C VAL A 235 -4.18 10.80 -4.38
N SER A 236 -3.72 9.77 -3.68
CA SER A 236 -2.44 9.15 -4.00
C SER A 236 -2.60 8.29 -5.26
N HIS A 237 -1.57 8.18 -6.09
CA HIS A 237 -1.67 7.39 -7.30
C HIS A 237 -0.58 6.31 -7.40
N GLY A 238 -0.95 5.06 -7.18
CA GLY A 238 0.01 3.98 -7.24
C GLY A 238 0.23 3.47 -8.66
N TYR A 239 1.37 2.82 -8.88
CA TYR A 239 1.70 2.30 -10.20
C TYR A 239 2.62 1.10 -10.00
N VAL A 240 2.12 -0.08 -10.34
CA VAL A 240 2.88 -1.30 -10.19
C VAL A 240 3.09 -1.89 -11.56
N THR A 241 4.28 -2.41 -11.81
CA THR A 241 4.53 -3.01 -13.10
C THR A 241 4.68 -4.48 -12.83
N VAL A 242 3.62 -5.21 -13.17
CA VAL A 242 3.53 -6.65 -12.94
C VAL A 242 4.21 -7.54 -13.98
N LYS A 243 4.41 -7.02 -15.17
CA LYS A 243 5.01 -7.82 -16.22
C LYS A 243 5.48 -6.80 -17.25
N PRO A 244 6.62 -7.06 -17.90
CA PRO A 244 7.20 -6.17 -18.91
C PRO A 244 6.33 -5.03 -19.40
N GLY A 245 5.51 -5.25 -20.41
CA GLY A 245 4.73 -4.13 -20.90
C GLY A 245 3.58 -3.73 -20.02
N ILE A 246 3.20 -4.62 -19.10
CA ILE A 246 2.03 -4.42 -18.26
C ILE A 246 2.16 -3.87 -16.84
N ARG A 247 1.50 -2.75 -16.62
CA ARG A 247 1.50 -2.08 -15.33
C ARG A 247 0.08 -1.72 -14.92
N LEU A 248 -0.20 -1.90 -13.63
CA LEU A 248 -1.52 -1.61 -13.06
C LEU A 248 -1.53 -0.31 -12.25
N HIS A 249 -2.41 0.62 -12.60
CA HIS A 249 -2.48 1.88 -11.87
C HIS A 249 -3.55 1.77 -10.80
N PHE A 250 -3.42 2.50 -9.71
CA PHE A 250 -4.45 2.46 -8.69
C PHE A 250 -4.44 3.68 -7.80
N VAL A 251 -5.35 3.76 -6.87
CA VAL A 251 -5.44 4.90 -5.97
C VAL A 251 -5.48 4.36 -4.52
N GLU A 252 -4.79 5.03 -3.62
CA GLU A 252 -4.69 4.58 -2.24
C GLU A 252 -5.18 5.58 -1.20
N MET A 253 -5.86 5.05 -0.20
CA MET A 253 -6.34 5.88 0.88
C MET A 253 -6.57 5.05 2.12
N GLY A 254 -6.07 5.53 3.25
CA GLY A 254 -6.23 4.83 4.50
C GLY A 254 -5.08 3.91 4.84
N SER A 255 -5.06 3.48 6.11
CA SER A 255 -4.03 2.58 6.58
C SER A 255 -4.57 1.25 7.05
N GLY A 256 -3.88 0.19 6.60
CA GLY A 256 -4.13 -1.21 6.88
C GLY A 256 -5.36 -1.58 7.66
N PRO A 257 -5.94 -2.76 7.41
CA PRO A 257 -5.50 -3.74 6.43
C PRO A 257 -6.04 -3.45 5.05
N ALA A 258 -5.44 -4.13 4.07
CA ALA A 258 -5.74 -3.92 2.65
C ALA A 258 -7.00 -4.49 2.05
N LEU A 259 -7.64 -3.70 1.20
CA LEU A 259 -8.84 -4.13 0.47
C LEU A 259 -8.82 -3.49 -0.93
N CYS A 260 -8.70 -4.32 -1.96
CA CYS A 260 -8.66 -3.84 -3.33
C CYS A 260 -10.06 -3.79 -3.93
N LEU A 261 -10.47 -2.59 -4.32
CA LEU A 261 -11.77 -2.39 -4.96
C LEU A 261 -11.63 -2.58 -6.47
N CYS A 262 -12.27 -3.61 -7.01
CA CYS A 262 -12.18 -3.87 -8.44
C CYS A 262 -13.45 -3.52 -9.22
N HIS A 263 -13.32 -2.65 -10.22
CA HIS A 263 -14.43 -2.16 -11.04
C HIS A 263 -14.90 -3.01 -12.25
N GLY A 264 -16.02 -2.60 -12.83
CA GLY A 264 -16.58 -3.30 -13.97
C GLY A 264 -16.66 -2.55 -15.29
N PHE A 265 -17.34 -3.17 -16.25
CA PHE A 265 -17.48 -2.59 -17.58
C PHE A 265 -18.70 -1.73 -17.69
N PRO A 266 -18.54 -0.52 -18.26
CA PRO A 266 -17.30 0.07 -18.77
C PRO A 266 -16.90 1.21 -17.82
N GLU A 267 -16.31 0.90 -16.66
CA GLU A 267 -15.98 1.95 -15.70
C GLU A 267 -14.51 2.29 -15.36
N SER A 268 -14.27 2.56 -14.08
CA SER A 268 -12.92 2.89 -13.59
C SER A 268 -12.86 2.84 -12.07
N TRP A 269 -11.71 3.24 -11.51
CA TRP A 269 -11.55 3.23 -10.06
C TRP A 269 -12.42 4.38 -9.54
N PHE A 270 -12.66 5.36 -10.40
CA PHE A 270 -13.42 6.51 -9.98
C PHE A 270 -14.83 6.07 -9.65
N SER A 271 -15.19 4.89 -10.10
CA SER A 271 -16.51 4.37 -9.80
C SER A 271 -16.67 4.16 -8.29
N TRP A 272 -15.61 3.77 -7.60
CA TRP A 272 -15.67 3.58 -6.16
C TRP A 272 -15.47 4.90 -5.38
N ARG A 273 -15.47 6.01 -6.09
CA ARG A 273 -15.28 7.30 -5.44
C ARG A 273 -16.02 7.42 -4.12
N TYR A 274 -17.26 6.97 -4.07
CA TYR A 274 -18.03 7.08 -2.84
C TYR A 274 -17.66 6.12 -1.78
N GLN A 275 -17.04 5.00 -2.15
CA GLN A 275 -16.69 4.02 -1.12
C GLN A 275 -15.24 4.16 -0.65
N ILE A 276 -14.38 4.63 -1.53
CA ILE A 276 -12.96 4.83 -1.22
C ILE A 276 -12.69 5.51 0.14
N PRO A 277 -13.20 6.74 0.35
CA PRO A 277 -12.98 7.44 1.63
C PRO A 277 -13.52 6.64 2.79
N ALA A 278 -14.85 6.57 2.84
CA ALA A 278 -15.56 5.86 3.91
C ALA A 278 -14.82 4.61 4.36
N LEU A 279 -14.50 3.77 3.40
CA LEU A 279 -13.81 2.53 3.73
C LEU A 279 -12.47 2.77 4.42
N ALA A 280 -11.76 3.82 3.98
CA ALA A 280 -10.47 4.17 4.56
C ALA A 280 -10.76 4.52 6.00
N GLN A 281 -11.71 5.44 6.15
CA GLN A 281 -12.14 5.88 7.45
C GLN A 281 -12.68 4.73 8.26
N ALA A 282 -13.23 3.72 7.58
CA ALA A 282 -13.75 2.56 8.29
C ALA A 282 -12.58 1.85 8.94
N GLY A 283 -11.37 2.29 8.62
CA GLY A 283 -10.19 1.67 9.19
C GLY A 283 -9.51 0.70 8.25
N PHE A 284 -9.44 1.03 6.96
CA PHE A 284 -8.80 0.14 6.00
C PHE A 284 -7.92 0.87 4.97
N ARG A 285 -6.93 0.16 4.44
CA ARG A 285 -6.06 0.72 3.42
C ARG A 285 -6.76 0.36 2.14
N VAL A 286 -7.36 1.33 1.49
CA VAL A 286 -8.08 1.08 0.25
C VAL A 286 -7.21 1.16 -1.00
N LEU A 287 -7.40 0.23 -1.94
CA LEU A 287 -6.68 0.24 -3.22
C LEU A 287 -7.60 0.17 -4.44
N ALA A 288 -8.34 1.26 -4.68
CA ALA A 288 -9.22 1.37 -5.83
C ALA A 288 -8.42 1.25 -7.12
N ILE A 289 -8.26 0.02 -7.64
CA ILE A 289 -7.53 -0.26 -8.87
C ILE A 289 -8.27 -0.05 -10.22
N ASP A 290 -7.48 0.33 -11.23
CA ASP A 290 -7.88 0.56 -12.64
C ASP A 290 -7.57 -0.77 -13.30
N MET A 291 -8.60 -1.60 -13.52
CA MET A 291 -8.42 -2.92 -14.12
C MET A 291 -7.65 -2.95 -15.45
N LYS A 292 -7.03 -4.09 -15.77
CA LYS A 292 -6.31 -4.20 -17.03
C LYS A 292 -7.14 -3.65 -18.22
N GLY A 293 -6.54 -2.85 -19.08
CA GLY A 293 -7.25 -2.29 -20.21
C GLY A 293 -7.96 -0.99 -19.89
N TYR A 294 -7.97 -0.56 -18.63
CA TYR A 294 -8.69 0.65 -18.28
C TYR A 294 -7.84 1.82 -17.81
N GLY A 295 -8.34 3.02 -18.08
CA GLY A 295 -7.68 4.26 -17.69
C GLY A 295 -6.17 4.34 -17.69
N ASP A 296 -5.60 4.41 -16.49
CA ASP A 296 -4.16 4.54 -16.35
C ASP A 296 -3.28 3.30 -16.28
N SER A 297 -3.87 2.11 -16.36
CA SER A 297 -3.08 0.87 -16.37
C SER A 297 -2.93 0.45 -17.84
N SER A 298 -2.07 -0.54 -18.08
CA SER A 298 -1.84 -1.00 -19.45
C SER A 298 -3.12 -1.51 -20.13
N SER A 299 -3.21 -1.30 -21.44
CA SER A 299 -4.35 -1.71 -22.26
C SER A 299 -3.83 -2.51 -23.46
N PRO A 300 -3.15 -3.66 -23.23
CA PRO A 300 -2.69 -4.31 -24.46
C PRO A 300 -3.84 -4.71 -25.33
N PRO A 301 -3.69 -4.57 -26.64
CA PRO A 301 -4.69 -4.90 -27.67
C PRO A 301 -5.10 -6.39 -27.76
N GLU A 302 -4.14 -7.29 -27.65
CA GLU A 302 -4.42 -8.72 -27.75
C GLU A 302 -5.52 -9.19 -26.81
N ILE A 303 -6.28 -10.20 -27.25
CA ILE A 303 -7.37 -10.71 -26.43
C ILE A 303 -6.91 -11.67 -25.36
N GLU A 304 -6.05 -12.63 -25.71
CA GLU A 304 -5.60 -13.60 -24.72
C GLU A 304 -5.13 -12.85 -23.50
N GLU A 305 -4.74 -11.61 -23.71
CA GLU A 305 -4.23 -10.78 -22.66
C GLU A 305 -5.28 -10.47 -21.57
N TYR A 306 -6.56 -10.74 -21.86
CA TYR A 306 -7.61 -10.46 -20.87
C TYR A 306 -8.32 -11.71 -20.38
N ALA A 307 -7.70 -12.85 -20.59
CA ALA A 307 -8.26 -14.09 -20.13
C ALA A 307 -8.42 -13.92 -18.62
N MET A 308 -9.43 -14.57 -18.05
CA MET A 308 -9.66 -14.45 -16.60
C MET A 308 -8.51 -15.06 -15.83
N GLU A 309 -8.00 -16.17 -16.31
CA GLU A 309 -6.87 -16.85 -15.66
C GLU A 309 -5.69 -15.91 -15.54
N LEU A 310 -5.47 -15.13 -16.61
CA LEU A 310 -4.38 -14.15 -16.70
C LEU A 310 -4.59 -12.96 -15.77
N LEU A 311 -5.81 -12.46 -15.69
CA LEU A 311 -6.09 -11.33 -14.83
C LEU A 311 -5.98 -11.67 -13.34
N CYS A 312 -6.49 -12.84 -12.96
CA CYS A 312 -6.47 -13.28 -11.57
C CYS A 312 -5.04 -13.51 -11.14
N LYS A 313 -4.23 -14.03 -12.05
CA LYS A 313 -2.83 -14.28 -11.73
C LYS A 313 -2.10 -12.93 -11.69
N GLU A 314 -2.37 -12.06 -12.66
CA GLU A 314 -1.75 -10.76 -12.68
C GLU A 314 -2.20 -10.03 -11.43
N MET A 315 -3.25 -10.51 -10.81
CA MET A 315 -3.74 -9.89 -9.61
C MET A 315 -2.82 -10.25 -8.45
N VAL A 316 -2.36 -11.49 -8.43
CA VAL A 316 -1.47 -11.90 -7.36
C VAL A 316 -0.13 -11.22 -7.56
N THR A 317 0.30 -11.11 -8.80
CA THR A 317 1.56 -10.45 -9.08
C THR A 317 1.50 -9.01 -8.54
N PHE A 318 0.36 -8.36 -8.69
CA PHE A 318 0.18 -7.02 -8.18
C PHE A 318 0.38 -6.96 -6.65
N LEU A 319 -0.22 -7.88 -5.91
CA LEU A 319 -0.05 -7.87 -4.47
C LEU A 319 1.41 -8.17 -4.12
N ASP A 320 2.01 -9.10 -4.84
CA ASP A 320 3.38 -9.51 -4.60
C ASP A 320 4.37 -8.34 -4.64
N LYS A 321 4.41 -7.65 -5.77
CA LYS A 321 5.28 -6.47 -5.95
C LYS A 321 5.04 -5.42 -4.84
N LEU A 322 3.78 -5.30 -4.43
CA LEU A 322 3.43 -4.33 -3.41
C LEU A 322 3.78 -4.83 -2.01
N GLY A 323 4.19 -6.09 -1.97
CA GLY A 323 4.55 -6.74 -0.74
C GLY A 323 3.41 -7.10 0.17
N ILE A 324 2.24 -7.28 -0.42
CA ILE A 324 1.10 -7.66 0.40
C ILE A 324 0.78 -9.15 0.25
N PRO A 325 0.62 -9.85 1.37
CA PRO A 325 0.31 -11.27 1.30
C PRO A 325 -1.20 -11.59 1.18
N GLN A 326 -2.04 -10.68 1.67
CA GLN A 326 -3.47 -10.93 1.63
C GLN A 326 -4.25 -9.63 1.56
N ALA A 327 -5.37 -9.68 0.84
CA ALA A 327 -6.26 -8.55 0.69
C ALA A 327 -7.69 -9.07 0.68
N VAL A 328 -8.61 -8.14 0.95
CA VAL A 328 -10.04 -8.41 0.91
C VAL A 328 -10.34 -7.91 -0.50
N PHE A 329 -10.85 -8.80 -1.34
CA PHE A 329 -11.19 -8.42 -2.71
C PHE A 329 -12.67 -8.16 -2.80
N ILE A 330 -12.99 -6.99 -3.29
CA ILE A 330 -14.37 -6.60 -3.48
C ILE A 330 -14.63 -6.30 -4.95
N GLY A 331 -15.30 -7.21 -5.65
CA GLY A 331 -15.56 -6.99 -7.06
C GLY A 331 -16.97 -6.56 -7.43
N HIS A 332 -17.11 -6.02 -8.63
CA HIS A 332 -18.41 -5.60 -9.15
C HIS A 332 -18.39 -5.79 -10.66
N ASP A 333 -19.54 -6.15 -11.23
CA ASP A 333 -19.65 -6.39 -12.68
C ASP A 333 -18.64 -7.48 -13.05
N TRP A 334 -17.89 -7.23 -14.11
CA TRP A 334 -16.91 -8.19 -14.59
C TRP A 334 -15.89 -8.61 -13.53
N ALA A 335 -15.37 -7.64 -12.79
CA ALA A 335 -14.38 -7.88 -11.74
C ALA A 335 -14.93 -8.84 -10.71
N GLY A 336 -16.23 -8.66 -10.44
CA GLY A 336 -16.96 -9.53 -9.50
C GLY A 336 -16.64 -10.96 -9.87
N VAL A 337 -16.70 -11.23 -11.17
CA VAL A 337 -16.38 -12.56 -11.66
C VAL A 337 -14.96 -12.88 -11.22
N MET A 338 -14.00 -12.07 -11.69
CA MET A 338 -12.58 -12.23 -11.37
C MET A 338 -12.38 -12.45 -9.88
N VAL A 339 -12.97 -11.55 -9.11
CA VAL A 339 -12.91 -11.62 -7.68
C VAL A 339 -13.31 -13.02 -7.10
N TRP A 340 -14.41 -13.63 -7.60
CA TRP A 340 -14.85 -14.95 -7.11
C TRP A 340 -13.86 -15.98 -7.58
N ASN A 341 -13.21 -15.67 -8.70
CA ASN A 341 -12.22 -16.58 -9.23
C ASN A 341 -10.97 -16.49 -8.38
N MET A 342 -10.72 -15.27 -7.90
CA MET A 342 -9.59 -15.01 -7.04
C MET A 342 -9.77 -15.93 -5.83
N ALA A 343 -10.95 -15.84 -5.23
CA ALA A 343 -11.29 -16.67 -4.08
C ALA A 343 -11.14 -18.15 -4.40
N LEU A 344 -11.49 -18.50 -5.62
CA LEU A 344 -11.46 -19.89 -6.02
C LEU A 344 -10.09 -20.44 -6.37
N PHE A 345 -9.21 -19.61 -6.91
CA PHE A 345 -7.90 -20.11 -7.28
C PHE A 345 -6.77 -19.74 -6.36
N TYR A 346 -6.96 -18.64 -5.61
CA TYR A 346 -5.95 -18.12 -4.69
C TYR A 346 -6.64 -17.74 -3.40
N PRO A 347 -7.00 -18.74 -2.61
CA PRO A 347 -7.68 -18.42 -1.35
C PRO A 347 -6.72 -17.81 -0.34
N GLU A 348 -5.45 -18.21 -0.42
CA GLU A 348 -4.38 -17.74 0.46
C GLU A 348 -4.29 -16.23 0.48
N ARG A 349 -4.26 -15.64 -0.72
CA ARG A 349 -4.11 -14.21 -0.86
C ARG A 349 -5.41 -13.47 -0.66
N VAL A 350 -6.48 -14.22 -0.44
CA VAL A 350 -7.77 -13.59 -0.26
C VAL A 350 -8.22 -13.69 1.19
N ARG A 351 -8.24 -12.55 1.88
CA ARG A 351 -8.70 -12.52 3.27
C ARG A 351 -10.22 -12.63 3.15
N ALA A 352 -10.76 -12.02 2.09
CA ALA A 352 -12.18 -12.04 1.85
C ALA A 352 -12.54 -11.69 0.42
N VAL A 353 -13.81 -11.90 0.11
CA VAL A 353 -14.41 -11.62 -1.20
C VAL A 353 -15.80 -11.05 -1.03
N ALA A 354 -16.14 -10.12 -1.91
CA ALA A 354 -17.44 -9.50 -1.91
C ALA A 354 -17.72 -9.25 -3.39
N SER A 355 -18.95 -9.44 -3.81
CA SER A 355 -19.30 -9.16 -5.19
C SER A 355 -20.57 -8.36 -5.15
N LEU A 356 -20.65 -7.37 -6.02
CA LEU A 356 -21.84 -6.54 -6.08
C LEU A 356 -22.48 -6.92 -7.39
N ASN A 357 -23.75 -7.35 -7.35
CA ASN A 357 -24.46 -7.76 -8.55
C ASN A 357 -24.04 -9.13 -9.13
N THR A 358 -22.76 -9.31 -9.40
CA THR A 358 -22.32 -10.57 -9.99
C THR A 358 -22.33 -11.78 -9.09
N PRO A 359 -23.13 -12.78 -9.48
CA PRO A 359 -23.20 -13.98 -8.68
C PRO A 359 -22.03 -14.81 -9.11
N PHE A 360 -21.86 -15.93 -8.41
CA PHE A 360 -20.79 -16.83 -8.74
C PHE A 360 -21.49 -17.82 -9.67
N MET A 361 -21.17 -17.79 -10.97
CA MET A 361 -21.79 -18.71 -11.91
C MET A 361 -20.82 -19.70 -12.58
N PRO A 362 -20.44 -20.75 -11.87
CA PRO A 362 -19.52 -21.74 -12.45
C PRO A 362 -20.13 -22.36 -13.71
N PRO A 363 -19.29 -22.76 -14.67
CA PRO A 363 -19.75 -23.36 -15.93
C PRO A 363 -20.08 -24.83 -15.85
N ASP A 364 -20.85 -25.29 -16.84
CA ASP A 364 -21.24 -26.68 -16.95
C ASP A 364 -20.26 -27.27 -17.92
N PRO A 365 -19.71 -28.41 -17.57
CA PRO A 365 -18.73 -29.15 -18.34
C PRO A 365 -19.29 -29.65 -19.65
N ASP A 366 -20.55 -30.04 -19.64
CA ASP A 366 -21.21 -30.56 -20.83
C ASP A 366 -22.07 -29.53 -21.54
N VAL A 367 -21.71 -28.26 -21.44
CA VAL A 367 -22.49 -27.20 -22.09
C VAL A 367 -21.57 -26.10 -22.57
N SER A 368 -21.30 -26.09 -23.87
CA SER A 368 -20.46 -25.06 -24.47
C SER A 368 -20.87 -23.73 -23.85
N PRO A 369 -19.90 -22.97 -23.34
CA PRO A 369 -20.09 -21.67 -22.70
C PRO A 369 -20.86 -20.72 -23.60
N MET A 370 -20.47 -20.74 -24.86
CA MET A 370 -21.08 -19.89 -25.88
C MET A 370 -22.58 -20.06 -25.96
N LYS A 371 -23.02 -21.31 -26.07
CA LYS A 371 -24.45 -21.62 -26.17
C LYS A 371 -25.26 -21.00 -25.04
N VAL A 372 -24.71 -21.00 -23.83
CA VAL A 372 -25.44 -20.41 -22.71
C VAL A 372 -25.63 -18.91 -22.90
N ILE A 373 -24.75 -18.27 -23.66
CA ILE A 373 -24.92 -16.85 -23.89
C ILE A 373 -25.96 -16.71 -24.99
N ARG A 374 -25.84 -17.54 -26.03
CA ARG A 374 -26.76 -17.50 -27.17
C ARG A 374 -28.18 -17.75 -26.72
N SER A 375 -28.33 -18.59 -25.71
CA SER A 375 -29.64 -18.91 -25.16
C SER A 375 -30.26 -17.71 -24.43
N ILE A 376 -29.60 -17.22 -23.39
CA ILE A 376 -30.13 -16.06 -22.65
C ILE A 376 -30.35 -14.87 -23.57
N PRO A 377 -31.60 -14.37 -23.61
CA PRO A 377 -32.03 -13.23 -24.44
C PRO A 377 -31.46 -11.89 -24.01
N VAL A 378 -31.19 -11.77 -22.71
CA VAL A 378 -30.64 -10.53 -22.17
C VAL A 378 -29.12 -10.43 -22.23
N PHE A 379 -28.47 -11.30 -23.00
CA PHE A 379 -27.04 -11.28 -23.13
C PHE A 379 -26.76 -11.11 -24.62
N ASN A 380 -27.72 -10.53 -25.32
CA ASN A 380 -27.52 -10.34 -26.74
C ASN A 380 -26.31 -9.44 -26.98
N TYR A 381 -26.27 -8.32 -26.23
CA TYR A 381 -25.17 -7.36 -26.33
C TYR A 381 -23.83 -8.08 -26.16
N GLN A 382 -23.78 -9.06 -25.29
CA GLN A 382 -22.55 -9.78 -25.07
C GLN A 382 -22.08 -10.41 -26.36
N LEU A 383 -23.03 -10.75 -27.22
CA LEU A 383 -22.70 -11.36 -28.50
C LEU A 383 -22.25 -10.28 -29.47
N TYR A 384 -22.95 -9.14 -29.40
CA TYR A 384 -22.61 -7.99 -30.22
C TYR A 384 -21.11 -7.76 -30.00
N PHE A 385 -20.75 -7.49 -28.73
CA PHE A 385 -19.36 -7.25 -28.32
C PHE A 385 -18.35 -8.27 -28.86
N GLN A 386 -18.76 -9.53 -28.88
CA GLN A 386 -17.91 -10.61 -29.35
C GLN A 386 -17.08 -10.34 -30.59
N GLU A 387 -17.51 -9.38 -31.41
CA GLU A 387 -16.78 -9.07 -32.64
C GLU A 387 -16.01 -7.76 -32.57
N PRO A 388 -14.66 -7.86 -32.68
CA PRO A 388 -13.56 -6.86 -32.67
C PRO A 388 -13.66 -5.71 -33.65
N GLY A 389 -13.59 -4.49 -33.13
CA GLY A 389 -13.65 -3.30 -33.96
C GLY A 389 -15.03 -2.68 -33.97
N VAL A 390 -16.01 -3.59 -34.01
CA VAL A 390 -17.44 -3.28 -34.08
C VAL A 390 -18.02 -2.48 -32.92
N ALA A 391 -18.15 -3.12 -31.76
CA ALA A 391 -18.67 -2.43 -30.59
C ALA A 391 -17.79 -1.21 -30.27
N GLU A 392 -16.47 -1.37 -30.47
CA GLU A 392 -15.52 -0.31 -30.20
C GLU A 392 -15.98 0.88 -30.96
N ALA A 393 -16.00 0.71 -32.28
CA ALA A 393 -16.41 1.74 -33.19
C ALA A 393 -17.68 2.46 -32.74
N GLU A 394 -18.66 1.71 -32.24
CA GLU A 394 -19.93 2.29 -31.77
C GLU A 394 -19.77 3.12 -30.51
N LEU A 395 -19.24 2.49 -29.47
CA LEU A 395 -19.05 3.15 -28.18
C LEU A 395 -18.08 4.33 -28.26
N GLU A 396 -17.00 4.16 -29.00
CA GLU A 396 -16.02 5.23 -29.12
C GLU A 396 -16.51 6.48 -29.88
N LYS A 397 -17.30 6.29 -30.94
CA LYS A 397 -17.84 7.37 -31.81
C LYS A 397 -18.13 8.69 -31.11
N ASN A 398 -18.95 8.67 -30.08
CA ASN A 398 -19.19 9.89 -29.31
C ASN A 398 -19.28 9.39 -27.87
N MET A 399 -18.16 9.51 -27.17
CA MET A 399 -18.06 9.05 -25.78
C MET A 399 -19.04 9.73 -24.85
N SER A 400 -19.35 11.00 -25.09
CA SER A 400 -20.28 11.69 -24.23
C SER A 400 -21.57 10.88 -24.12
N ARG A 401 -22.24 10.62 -25.24
CA ARG A 401 -23.48 9.83 -25.22
C ARG A 401 -23.17 8.47 -24.57
N THR A 402 -22.27 7.70 -25.19
CA THR A 402 -21.87 6.42 -24.66
C THR A 402 -21.94 6.27 -23.12
N PHE A 403 -21.59 7.30 -22.35
CA PHE A 403 -21.62 7.15 -20.90
C PHE A 403 -22.95 7.56 -20.30
N LYS A 404 -23.53 8.65 -20.83
CA LYS A 404 -24.80 9.15 -20.34
C LYS A 404 -25.81 8.02 -20.53
N SER A 405 -25.57 7.23 -21.57
CA SER A 405 -26.41 6.09 -21.91
C SER A 405 -26.25 4.96 -20.90
N PHE A 406 -25.00 4.53 -20.73
CA PHE A 406 -24.69 3.45 -19.80
C PHE A 406 -25.06 3.75 -18.36
N PHE A 407 -24.59 4.89 -17.85
CA PHE A 407 -24.89 5.24 -16.47
C PHE A 407 -26.17 6.02 -16.34
N ARG A 408 -27.19 5.30 -15.88
CA ARG A 408 -28.52 5.84 -15.64
C ARG A 408 -29.04 5.00 -14.46
N ALA A 409 -29.99 5.56 -13.70
CA ALA A 409 -30.56 4.88 -12.53
C ALA A 409 -31.45 3.73 -12.96
N SER A 410 -32.10 3.09 -12.00
CA SER A 410 -33.00 1.97 -12.28
C SER A 410 -34.34 2.52 -12.76
N ASP A 411 -34.63 3.76 -12.34
CA ASP A 411 -35.86 4.45 -12.72
C ASP A 411 -35.62 5.57 -13.73
N GLU A 412 -35.15 5.23 -14.92
CA GLU A 412 -34.84 6.24 -15.94
C GLU A 412 -34.90 5.65 -17.32
N THR A 413 -35.29 6.44 -18.31
CA THR A 413 -35.35 5.98 -19.71
C THR A 413 -33.96 6.23 -20.35
N GLY A 414 -33.90 6.12 -21.69
CA GLY A 414 -32.65 6.34 -22.41
C GLY A 414 -31.68 5.18 -22.33
N PHE A 415 -32.23 4.02 -21.95
CA PHE A 415 -31.48 2.77 -21.76
C PHE A 415 -30.51 2.24 -22.83
N ILE A 416 -30.09 0.99 -22.60
CA ILE A 416 -29.15 0.28 -23.46
C ILE A 416 -29.86 -0.95 -24.00
N ALA A 417 -29.62 -1.25 -25.27
CA ALA A 417 -30.23 -2.39 -25.96
C ALA A 417 -29.58 -3.76 -25.71
N VAL A 418 -29.56 -4.19 -24.46
CA VAL A 418 -28.96 -5.48 -24.09
C VAL A 418 -29.59 -6.69 -24.79
N HIS A 419 -30.89 -6.55 -25.05
CA HIS A 419 -31.71 -7.57 -25.69
C HIS A 419 -31.60 -7.63 -27.20
N LYS A 420 -32.05 -6.55 -27.83
CA LYS A 420 -32.03 -6.47 -29.27
C LYS A 420 -30.79 -5.84 -29.94
N ALA A 421 -29.63 -5.83 -29.25
CA ALA A 421 -28.35 -5.30 -29.78
C ALA A 421 -28.09 -5.87 -31.16
N THR A 422 -28.05 -7.19 -31.27
CA THR A 422 -27.93 -7.76 -32.60
C THR A 422 -29.41 -7.81 -32.98
N GLU A 423 -29.71 -7.30 -34.16
CA GLU A 423 -31.04 -7.21 -34.72
C GLU A 423 -31.01 -5.73 -35.05
N ILE A 424 -30.89 -4.87 -34.04
CA ILE A 424 -30.82 -3.46 -34.36
C ILE A 424 -29.37 -3.07 -34.67
N GLY A 425 -28.47 -4.01 -34.40
CA GLY A 425 -27.05 -3.80 -34.67
C GLY A 425 -26.47 -2.58 -33.98
N GLY A 426 -26.47 -2.62 -32.66
CA GLY A 426 -25.95 -1.52 -31.89
C GLY A 426 -26.58 -1.48 -30.53
N ILE A 427 -25.73 -1.33 -29.51
CA ILE A 427 -26.18 -1.30 -28.14
C ILE A 427 -26.65 0.11 -27.76
N LEU A 428 -26.63 1.02 -28.73
CA LEU A 428 -27.05 2.41 -28.49
C LEU A 428 -28.09 2.91 -29.49
N VAL A 429 -28.28 2.15 -30.57
CA VAL A 429 -29.21 2.49 -31.67
C VAL A 429 -30.60 2.94 -31.25
N ASN A 430 -30.97 2.53 -30.07
CA ASN A 430 -32.27 2.83 -29.52
C ASN A 430 -32.15 4.01 -28.57
N THR A 431 -30.92 4.31 -28.19
CA THR A 431 -30.65 5.38 -27.26
C THR A 431 -30.75 6.76 -27.89
N PRO A 432 -31.30 7.73 -27.14
CA PRO A 432 -31.39 9.09 -27.71
C PRO A 432 -30.03 9.54 -28.24
N GLU A 433 -30.01 10.66 -28.96
CA GLU A 433 -28.77 11.17 -29.54
C GLU A 433 -28.02 12.05 -28.57
N ASP A 434 -28.76 12.73 -27.70
CA ASP A 434 -28.11 13.52 -26.68
C ASP A 434 -28.86 13.19 -25.39
N PRO A 435 -28.52 12.02 -24.83
CA PRO A 435 -29.12 11.54 -23.60
C PRO A 435 -29.14 12.56 -22.47
N ASN A 436 -30.32 12.90 -21.98
CA ASN A 436 -30.42 13.83 -20.87
C ASN A 436 -29.56 13.18 -19.80
N LEU A 437 -28.56 13.90 -19.31
CA LEU A 437 -27.64 13.38 -18.29
C LEU A 437 -28.33 12.75 -17.05
N SER A 438 -27.92 11.53 -16.72
CA SER A 438 -28.48 10.81 -15.59
C SER A 438 -28.44 11.64 -14.34
N LYS A 439 -29.43 11.44 -13.47
CA LYS A 439 -29.48 12.18 -12.20
C LYS A 439 -28.50 11.48 -11.26
N ILE A 440 -27.84 10.48 -11.80
CA ILE A 440 -26.91 9.65 -11.06
C ILE A 440 -25.44 10.11 -11.24
N THR A 441 -25.19 10.91 -12.26
CA THR A 441 -23.85 11.41 -12.53
C THR A 441 -23.89 12.91 -12.77
N THR A 442 -22.71 13.53 -12.82
CA THR A 442 -22.56 14.98 -13.06
C THR A 442 -21.75 15.12 -14.35
N GLU A 443 -21.92 16.24 -15.05
CA GLU A 443 -21.20 16.42 -16.31
C GLU A 443 -19.71 16.24 -16.07
N GLU A 444 -19.27 16.65 -14.88
CA GLU A 444 -17.87 16.54 -14.52
C GLU A 444 -17.51 15.08 -14.36
N GLU A 445 -18.36 14.35 -13.63
CA GLU A 445 -18.13 12.93 -13.38
C GLU A 445 -18.06 12.21 -14.70
N ILE A 446 -18.93 12.60 -15.62
CA ILE A 446 -18.96 11.95 -16.92
C ILE A 446 -17.65 12.22 -17.62
N GLU A 447 -17.31 13.51 -17.68
CA GLU A 447 -16.10 13.99 -18.35
C GLU A 447 -14.85 13.26 -17.91
N PHE A 448 -14.82 12.84 -16.64
CA PHE A 448 -13.69 12.10 -16.12
C PHE A 448 -13.57 10.84 -16.96
N TYR A 449 -14.63 10.05 -16.96
CA TYR A 449 -14.69 8.80 -17.73
C TYR A 449 -14.29 8.99 -19.19
N ILE A 450 -14.67 10.13 -19.78
CA ILE A 450 -14.32 10.38 -21.19
C ILE A 450 -12.80 10.42 -21.35
N GLN A 451 -12.18 11.29 -20.56
CA GLN A 451 -10.73 11.46 -20.61
C GLN A 451 -10.05 10.12 -20.31
N GLN A 452 -10.58 9.43 -19.30
CA GLN A 452 -10.04 8.16 -18.88
C GLN A 452 -10.01 7.20 -20.05
N PHE A 453 -11.12 7.14 -20.77
CA PHE A 453 -11.25 6.23 -21.90
C PHE A 453 -10.62 6.77 -23.17
N LYS A 454 -10.42 8.08 -23.21
CA LYS A 454 -9.79 8.72 -24.37
C LYS A 454 -8.38 8.18 -24.48
N LYS A 455 -7.88 7.58 -23.40
CA LYS A 455 -6.52 7.00 -23.36
C LYS A 455 -6.42 5.54 -23.77
N THR A 456 -7.46 4.77 -23.52
CA THR A 456 -7.45 3.36 -23.85
C THR A 456 -8.40 2.92 -24.94
N GLY A 457 -9.36 3.77 -25.27
CA GLY A 457 -10.32 3.37 -26.27
C GLY A 457 -11.17 2.30 -25.58
N PHE A 458 -11.71 1.36 -26.35
CA PHE A 458 -12.54 0.33 -25.74
C PHE A 458 -12.07 -1.06 -26.04
N ARG A 459 -11.09 -1.23 -26.92
CA ARG A 459 -10.71 -2.60 -27.22
C ARG A 459 -10.40 -3.36 -25.95
N GLY A 460 -9.35 -2.95 -25.28
CA GLY A 460 -8.94 -3.60 -24.05
C GLY A 460 -10.09 -3.90 -23.13
N PRO A 461 -10.91 -2.89 -22.77
CA PRO A 461 -12.03 -3.19 -21.87
C PRO A 461 -13.02 -4.24 -22.45
N LEU A 462 -13.29 -4.15 -23.75
CA LEU A 462 -14.22 -5.07 -24.40
C LEU A 462 -13.70 -6.50 -24.46
N ASN A 463 -12.38 -6.65 -24.60
CA ASN A 463 -11.78 -7.97 -24.69
C ASN A 463 -12.08 -8.86 -23.50
N TRP A 464 -12.70 -8.27 -22.46
CA TRP A 464 -13.08 -8.99 -21.25
C TRP A 464 -14.12 -10.04 -21.62
N TYR A 465 -14.99 -9.63 -22.54
CA TYR A 465 -16.06 -10.46 -23.06
C TYR A 465 -15.49 -11.56 -23.95
N ARG A 466 -14.62 -11.15 -24.85
CA ARG A 466 -13.99 -12.03 -25.83
C ARG A 466 -13.12 -13.21 -25.36
N ASN A 467 -13.37 -13.75 -24.18
CA ASN A 467 -12.52 -14.88 -23.77
C ASN A 467 -13.37 -16.00 -23.23
N THR A 468 -14.65 -15.92 -23.58
CA THR A 468 -15.69 -16.88 -23.25
C THR A 468 -15.28 -18.36 -23.13
N GLU A 469 -14.70 -18.88 -24.21
CA GLU A 469 -14.28 -20.27 -24.30
C GLU A 469 -13.25 -20.69 -23.28
N ARG A 470 -12.06 -20.15 -23.43
CA ARG A 470 -10.96 -20.47 -22.52
C ARG A 470 -11.30 -20.13 -21.08
N ASN A 471 -11.99 -19.02 -20.86
CA ASN A 471 -12.39 -18.66 -19.51
C ASN A 471 -13.12 -19.92 -19.01
N TRP A 472 -14.07 -20.40 -19.81
CA TRP A 472 -14.84 -21.59 -19.49
C TRP A 472 -13.89 -22.75 -19.17
N LYS A 473 -13.06 -23.11 -20.15
CA LYS A 473 -12.09 -24.20 -19.99
C LYS A 473 -11.32 -24.12 -18.68
N TRP A 474 -10.87 -22.91 -18.34
CA TRP A 474 -10.09 -22.68 -17.13
C TRP A 474 -10.91 -22.95 -15.88
N SER A 475 -11.96 -22.15 -15.68
CA SER A 475 -12.82 -22.27 -14.50
C SER A 475 -13.39 -23.67 -14.27
N CYS A 476 -13.36 -24.50 -15.31
CA CYS A 476 -13.88 -25.83 -15.17
C CYS A 476 -12.95 -26.64 -14.29
N LYS A 477 -11.78 -26.08 -13.99
CA LYS A 477 -10.81 -26.77 -13.17
C LYS A 477 -11.22 -26.75 -11.71
N GLY A 478 -12.01 -25.77 -11.32
CA GLY A 478 -12.40 -25.68 -9.92
C GLY A 478 -13.82 -26.11 -9.64
N LEU A 479 -14.38 -26.91 -10.52
CA LEU A 479 -15.77 -27.36 -10.34
C LEU A 479 -15.87 -28.27 -9.12
N GLY A 480 -14.77 -28.92 -8.78
CA GLY A 480 -14.77 -29.80 -7.63
C GLY A 480 -14.38 -29.11 -6.35
N ARG A 481 -14.33 -27.77 -6.39
CA ARG A 481 -13.94 -26.98 -5.22
C ARG A 481 -15.07 -26.22 -4.58
N LYS A 482 -14.81 -25.74 -3.38
CA LYS A 482 -15.80 -24.96 -2.66
C LYS A 482 -15.12 -23.68 -2.24
N ILE A 483 -15.91 -22.63 -2.06
CA ILE A 483 -15.39 -21.35 -1.65
C ILE A 483 -15.63 -21.28 -0.15
N LEU A 484 -14.54 -21.46 0.60
CA LEU A 484 -14.61 -21.48 2.05
C LEU A 484 -14.14 -20.22 2.79
N VAL A 485 -13.33 -19.38 2.13
CA VAL A 485 -12.89 -18.12 2.75
C VAL A 485 -14.15 -17.25 2.84
N PRO A 486 -14.18 -16.26 3.74
CA PRO A 486 -15.37 -15.38 3.89
C PRO A 486 -15.87 -14.71 2.63
N ALA A 487 -17.14 -14.91 2.32
CA ALA A 487 -17.75 -14.32 1.12
C ALA A 487 -19.03 -13.55 1.43
N LEU A 488 -19.35 -12.56 0.59
CA LEU A 488 -20.52 -11.76 0.79
C LEU A 488 -21.06 -11.42 -0.58
N MET A 489 -22.34 -11.72 -0.81
CA MET A 489 -22.96 -11.43 -2.11
C MET A 489 -24.03 -10.41 -1.90
N VAL A 490 -23.94 -9.34 -2.67
CA VAL A 490 -24.91 -8.28 -2.57
C VAL A 490 -25.57 -8.22 -3.90
N THR A 491 -26.89 -8.28 -3.84
CA THR A 491 -27.70 -8.26 -5.03
C THR A 491 -28.47 -6.94 -5.15
N ALA A 492 -28.72 -6.54 -6.39
CA ALA A 492 -29.47 -5.31 -6.73
C ALA A 492 -30.82 -5.71 -7.31
N GLU A 493 -31.90 -5.30 -6.64
CA GLU A 493 -33.26 -5.60 -7.06
C GLU A 493 -33.51 -5.45 -8.57
N LYS A 494 -33.37 -4.24 -9.11
CA LYS A 494 -33.64 -3.99 -10.53
C LYS A 494 -32.49 -4.01 -11.55
N ASP A 495 -31.52 -4.89 -11.36
CA ASP A 495 -30.42 -4.97 -12.30
C ASP A 495 -30.88 -5.94 -13.35
N ILE A 496 -31.23 -5.38 -14.51
CA ILE A 496 -31.72 -6.15 -15.64
C ILE A 496 -30.84 -7.37 -15.92
N VAL A 497 -29.64 -7.20 -16.48
CA VAL A 497 -28.78 -8.38 -16.66
C VAL A 497 -28.11 -8.47 -15.32
N LEU A 498 -27.83 -9.68 -14.83
CA LEU A 498 -27.23 -9.80 -13.50
C LEU A 498 -28.37 -9.54 -12.51
N ARG A 499 -29.39 -10.38 -12.56
CA ARG A 499 -30.55 -10.22 -11.68
C ARG A 499 -30.36 -11.06 -10.42
N PRO A 500 -30.87 -10.59 -9.28
CA PRO A 500 -30.72 -11.37 -8.04
C PRO A 500 -30.92 -12.87 -8.26
N GLU A 501 -32.02 -13.23 -8.92
CA GLU A 501 -32.38 -14.62 -9.23
C GLU A 501 -31.21 -15.52 -9.65
N MET A 502 -30.23 -14.94 -10.38
CA MET A 502 -29.07 -15.69 -10.87
C MET A 502 -28.11 -16.20 -9.80
N SER A 503 -28.45 -16.01 -8.53
CA SER A 503 -27.60 -16.42 -7.43
C SER A 503 -28.18 -17.44 -6.46
N LYS A 504 -29.49 -17.72 -6.53
CA LYS A 504 -30.14 -18.65 -5.60
C LYS A 504 -29.36 -19.95 -5.31
N ASN A 505 -28.66 -20.48 -6.30
CA ASN A 505 -27.91 -21.72 -6.09
C ASN A 505 -26.43 -21.51 -5.71
N MET A 506 -26.06 -20.28 -5.37
CA MET A 506 -24.69 -19.93 -5.00
C MET A 506 -24.13 -20.71 -3.82
N GLU A 507 -24.92 -20.82 -2.75
CA GLU A 507 -24.46 -21.54 -1.57
C GLU A 507 -24.11 -23.00 -1.84
N LYS A 508 -24.49 -23.50 -3.03
CA LYS A 508 -24.18 -24.89 -3.35
C LYS A 508 -22.69 -25.03 -3.30
N TRP A 509 -22.04 -23.93 -3.67
CA TRP A 509 -20.58 -23.81 -3.76
C TRP A 509 -19.96 -23.01 -2.62
N ILE A 510 -20.70 -21.98 -2.21
CA ILE A 510 -20.24 -21.07 -1.18
C ILE A 510 -21.15 -21.10 0.03
N PRO A 511 -20.97 -22.10 0.90
CA PRO A 511 -21.85 -22.11 2.07
C PRO A 511 -21.42 -20.93 2.93
N PHE A 512 -22.15 -20.66 4.01
CA PHE A 512 -21.79 -19.52 4.88
C PHE A 512 -21.78 -18.20 4.12
N LEU A 513 -21.99 -18.25 2.81
CA LEU A 513 -22.04 -17.06 2.02
C LEU A 513 -23.02 -16.09 2.65
N LYS A 514 -22.50 -14.99 3.25
CA LYS A 514 -23.36 -13.98 3.87
C LYS A 514 -23.93 -13.20 2.71
N ARG A 515 -25.03 -12.49 2.94
CA ARG A 515 -25.68 -11.75 1.85
C ARG A 515 -26.25 -10.38 2.17
N GLY A 516 -26.34 -9.57 1.12
CA GLY A 516 -26.91 -8.26 1.28
C GLY A 516 -27.76 -8.02 0.06
N HIS A 517 -28.75 -7.15 0.19
CA HIS A 517 -29.63 -6.85 -0.94
C HIS A 517 -30.10 -5.40 -0.91
N ILE A 518 -29.85 -4.67 -2.01
CA ILE A 518 -30.31 -3.28 -2.10
C ILE A 518 -31.53 -3.21 -3.04
N GLU A 519 -32.60 -2.55 -2.60
CA GLU A 519 -33.85 -2.41 -3.38
C GLU A 519 -33.75 -1.24 -4.35
N ASP A 520 -34.76 -1.01 -5.17
CA ASP A 520 -34.75 0.10 -6.15
C ASP A 520 -33.37 0.43 -6.72
N CYS A 521 -32.55 -0.61 -6.88
CA CYS A 521 -31.20 -0.40 -7.40
C CYS A 521 -30.90 -1.11 -8.71
N GLY A 522 -30.24 -0.37 -9.61
CA GLY A 522 -29.86 -0.90 -10.92
C GLY A 522 -28.49 -1.54 -10.95
N HIS A 523 -27.83 -1.49 -12.10
CA HIS A 523 -26.52 -2.10 -12.26
C HIS A 523 -25.40 -1.38 -11.57
N TRP A 524 -25.40 -0.06 -11.72
CA TRP A 524 -24.38 0.79 -11.12
C TRP A 524 -24.68 0.98 -9.65
N THR A 525 -24.56 -0.14 -8.93
CA THR A 525 -24.83 -0.22 -7.50
C THR A 525 -24.16 0.87 -6.68
N GLN A 526 -22.82 0.93 -6.79
CA GLN A 526 -21.99 1.89 -6.09
C GLN A 526 -22.46 3.32 -6.32
N ILE A 527 -22.46 3.75 -7.58
CA ILE A 527 -22.86 5.11 -7.92
C ILE A 527 -24.32 5.41 -7.59
N GLU A 528 -25.16 4.39 -7.70
CA GLU A 528 -26.58 4.56 -7.45
C GLU A 528 -27.09 4.52 -6.03
N LYS A 529 -26.54 3.63 -5.20
CA LYS A 529 -26.97 3.54 -3.80
C LYS A 529 -25.73 3.33 -2.95
N PRO A 530 -24.85 4.34 -2.92
CA PRO A 530 -23.58 4.35 -2.19
C PRO A 530 -23.67 4.20 -0.68
N THR A 531 -24.46 5.06 -0.08
CA THR A 531 -24.60 5.05 1.36
C THR A 531 -25.01 3.67 1.86
N GLU A 532 -25.92 3.03 1.11
CA GLU A 532 -26.39 1.71 1.50
C GLU A 532 -25.27 0.74 1.20
N VAL A 533 -24.59 0.93 0.08
CA VAL A 533 -23.47 0.05 -0.27
C VAL A 533 -22.42 0.11 0.85
N ASN A 534 -22.14 1.31 1.31
CA ASN A 534 -21.16 1.49 2.35
C ASN A 534 -21.62 0.81 3.62
N GLN A 535 -22.76 1.24 4.15
CA GLN A 535 -23.31 0.65 5.38
C GLN A 535 -23.01 -0.84 5.41
N ILE A 536 -23.48 -1.52 4.37
CA ILE A 536 -23.34 -2.95 4.21
C ILE A 536 -21.91 -3.47 4.19
N LEU A 537 -21.11 -2.89 3.30
CA LEU A 537 -19.73 -3.32 3.16
C LEU A 537 -18.98 -3.18 4.45
N ILE A 538 -19.22 -2.09 5.17
CA ILE A 538 -18.53 -1.88 6.42
C ILE A 538 -18.97 -2.91 7.43
N LYS A 539 -20.27 -2.92 7.75
CA LYS A 539 -20.83 -3.88 8.71
C LYS A 539 -20.22 -5.25 8.47
N TRP A 540 -20.16 -5.63 7.20
CA TRP A 540 -19.59 -6.92 6.83
C TRP A 540 -18.15 -6.96 7.26
N LEU A 541 -17.34 -6.00 6.81
CA LEU A 541 -15.92 -5.98 7.16
C LEU A 541 -15.73 -5.98 8.68
N GLN A 542 -16.49 -5.15 9.38
CA GLN A 542 -16.39 -5.10 10.82
C GLN A 542 -16.70 -6.45 11.41
N THR A 543 -17.89 -6.97 11.08
CA THR A 543 -18.34 -8.24 11.60
C THR A 543 -17.48 -9.46 11.24
N GLU A 544 -16.80 -9.44 10.09
CA GLU A 544 -15.96 -10.58 9.66
C GLU A 544 -14.69 -10.17 8.90
N ARG B 4 21.84 -22.27 -17.29
CA ARG B 4 21.51 -23.22 -16.19
C ARG B 4 20.39 -22.70 -15.28
N VAL B 5 19.86 -23.60 -14.48
CA VAL B 5 18.77 -23.27 -13.61
C VAL B 5 18.77 -24.11 -12.35
N ALA B 6 18.15 -23.57 -11.32
CA ALA B 6 18.03 -24.26 -10.06
C ALA B 6 16.57 -24.20 -9.68
N ALA B 7 16.05 -25.33 -9.22
CA ALA B 7 14.67 -25.41 -8.80
C ALA B 7 14.62 -26.14 -7.47
N PHE B 8 13.89 -25.56 -6.52
CA PHE B 8 13.79 -26.13 -5.18
C PHE B 8 12.34 -26.44 -4.75
N ASP B 9 12.15 -27.53 -4.02
CA ASP B 9 10.82 -27.91 -3.48
C ASP B 9 10.70 -26.96 -2.31
N LEU B 10 9.48 -26.57 -1.98
CA LEU B 10 9.24 -25.68 -0.85
C LEU B 10 9.27 -26.46 0.52
N ASP B 11 8.27 -27.28 0.78
CA ASP B 11 8.26 -28.04 2.03
C ASP B 11 9.45 -28.98 2.08
N GLY B 12 10.41 -28.67 2.95
CA GLY B 12 11.56 -29.54 3.07
C GLY B 12 12.89 -28.94 2.67
N VAL B 13 12.89 -28.09 1.65
CA VAL B 13 14.15 -27.50 1.28
C VAL B 13 14.12 -25.98 1.41
N LEU B 14 13.12 -25.32 0.85
CA LEU B 14 13.06 -23.86 1.00
C LEU B 14 12.28 -23.51 2.28
N ALA B 15 11.38 -24.39 2.71
CA ALA B 15 10.56 -24.14 3.89
C ALA B 15 10.74 -25.25 4.91
N LEU B 16 11.00 -24.86 6.17
CA LEU B 16 11.22 -25.81 7.29
C LEU B 16 10.45 -25.50 8.60
N PRO B 17 10.16 -26.55 9.40
CA PRO B 17 10.51 -27.95 9.16
C PRO B 17 9.46 -28.57 8.28
N SER B 18 9.91 -29.49 7.42
CA SER B 18 9.00 -30.13 6.50
C SER B 18 7.75 -30.46 7.27
N ILE B 19 6.63 -30.32 6.57
CA ILE B 19 5.31 -30.59 7.10
C ILE B 19 5.35 -32.05 7.53
N ALA B 20 6.06 -32.87 6.77
CA ALA B 20 6.19 -34.28 7.11
C ALA B 20 6.66 -34.44 8.56
N GLY B 21 7.70 -33.69 8.94
CA GLY B 21 8.22 -33.74 10.29
C GLY B 21 7.10 -34.01 11.28
N ALA B 22 6.18 -33.05 11.39
CA ALA B 22 5.03 -33.13 12.28
C ALA B 22 4.13 -34.32 11.97
N PHE B 23 4.19 -34.79 10.73
CA PHE B 23 3.38 -35.93 10.32
C PHE B 23 3.85 -37.14 11.09
N ARG B 24 5.16 -37.11 11.38
CA ARG B 24 5.84 -38.15 12.13
C ARG B 24 5.42 -38.03 13.59
N ARG B 25 5.81 -36.91 14.20
CA ARG B 25 5.49 -36.64 15.59
C ARG B 25 3.98 -36.53 15.85
N SER B 26 3.20 -37.18 15.00
CA SER B 26 1.74 -37.19 15.14
C SER B 26 1.40 -38.64 14.93
N GLU B 27 2.16 -39.29 14.06
CA GLU B 27 2.00 -40.70 13.79
C GLU B 27 2.44 -41.30 15.12
N GLU B 28 3.75 -41.21 15.38
CA GLU B 28 4.36 -41.70 16.62
C GLU B 28 3.57 -41.09 17.78
N ALA B 29 3.45 -39.77 17.77
CA ALA B 29 2.71 -39.05 18.81
C ALA B 29 1.39 -39.76 19.08
N LEU B 30 0.78 -40.29 18.04
CA LEU B 30 -0.48 -40.98 18.17
C LEU B 30 -0.36 -42.49 18.07
N ALA B 31 0.88 -42.97 18.20
CA ALA B 31 1.20 -44.40 18.17
C ALA B 31 0.64 -45.21 16.97
N LEU B 32 1.16 -44.96 15.76
CA LEU B 32 0.72 -45.67 14.56
C LEU B 32 1.86 -46.15 13.65
N PRO B 33 1.59 -47.15 12.78
CA PRO B 33 2.51 -47.77 11.81
C PRO B 33 3.24 -46.85 10.82
N ARG B 34 4.56 -46.82 10.96
CA ARG B 34 5.43 -45.99 10.12
C ARG B 34 4.75 -45.67 8.80
N ASP B 35 4.49 -44.38 8.59
CA ASP B 35 3.88 -43.88 7.37
C ASP B 35 2.38 -44.11 7.21
N PHE B 36 1.68 -44.45 8.29
CA PHE B 36 0.24 -44.64 8.19
C PHE B 36 -0.41 -43.33 7.67
N LEU B 37 0.11 -42.20 8.16
CA LEU B 37 -0.37 -40.87 7.77
C LEU B 37 0.49 -40.23 6.64
N LEU B 38 1.81 -40.30 6.75
CA LEU B 38 2.69 -39.73 5.72
C LEU B 38 2.37 -40.45 4.41
N GLY B 39 1.48 -41.43 4.53
CA GLY B 39 1.03 -42.20 3.38
C GLY B 39 0.17 -41.29 2.55
N ALA B 40 -0.88 -40.74 3.18
CA ALA B 40 -1.77 -39.83 2.49
C ALA B 40 -0.92 -38.76 1.78
N TYR B 41 0.02 -38.16 2.51
CA TYR B 41 0.90 -37.14 1.94
C TYR B 41 1.75 -37.70 0.78
N GLN B 42 3.06 -37.84 1.00
CA GLN B 42 3.96 -38.36 -0.05
C GLN B 42 4.17 -39.88 0.08
N THR B 43 3.92 -40.60 -1.02
CA THR B 43 4.06 -42.06 -1.04
C THR B 43 4.48 -42.67 -2.39
N GLU B 44 4.28 -41.90 -3.47
CA GLU B 44 4.62 -42.28 -4.86
C GLU B 44 3.33 -42.59 -5.63
N PHE B 45 2.39 -43.22 -4.94
CA PHE B 45 1.10 -43.57 -5.50
C PHE B 45 0.11 -42.64 -4.81
N PRO B 46 -0.02 -41.41 -5.32
CA PRO B 46 -0.96 -40.51 -4.67
C PRO B 46 -2.33 -40.82 -5.20
N GLU B 47 -3.21 -41.20 -4.28
CA GLU B 47 -4.55 -41.54 -4.66
C GLU B 47 -5.52 -40.97 -3.67
N GLY B 48 -6.79 -41.02 -4.06
CA GLY B 48 -7.87 -40.55 -3.22
C GLY B 48 -7.92 -39.06 -3.04
N PRO B 49 -8.10 -38.61 -1.78
CA PRO B 49 -8.18 -37.20 -1.41
C PRO B 49 -6.93 -36.33 -1.64
N THR B 50 -5.81 -36.71 -1.05
CA THR B 50 -4.60 -35.90 -1.20
C THR B 50 -4.19 -35.78 -2.67
N GLU B 51 -4.56 -36.79 -3.46
CA GLU B 51 -4.24 -36.75 -4.89
C GLU B 51 -5.13 -35.70 -5.55
N GLN B 52 -6.33 -35.54 -4.98
CA GLN B 52 -7.31 -34.57 -5.43
C GLN B 52 -6.83 -33.18 -4.94
N LEU B 53 -6.07 -33.22 -3.85
CA LEU B 53 -5.52 -32.03 -3.22
C LEU B 53 -4.39 -31.37 -3.99
N MET B 54 -3.28 -32.10 -4.13
CA MET B 54 -2.10 -31.61 -4.84
C MET B 54 -2.41 -31.25 -6.26
N LYS B 55 -3.46 -31.84 -6.79
CA LYS B 55 -3.87 -31.61 -8.17
C LYS B 55 -4.80 -30.41 -8.16
N GLY B 56 -5.19 -30.01 -6.95
CA GLY B 56 -6.06 -28.87 -6.79
C GLY B 56 -7.46 -29.04 -7.39
N LYS B 57 -8.03 -30.22 -7.17
CA LYS B 57 -9.37 -30.52 -7.65
C LYS B 57 -10.30 -30.00 -6.56
N ILE B 58 -9.89 -30.28 -5.31
CA ILE B 58 -10.57 -29.84 -4.08
C ILE B 58 -9.61 -29.00 -3.24
N THR B 59 -10.14 -28.04 -2.48
CA THR B 59 -9.32 -27.21 -1.61
C THR B 59 -8.95 -27.95 -0.34
N PHE B 60 -8.34 -27.22 0.58
CA PHE B 60 -7.91 -27.82 1.82
C PHE B 60 -9.05 -28.29 2.70
N SER B 61 -9.85 -27.36 3.22
CA SER B 61 -10.97 -27.70 4.11
C SER B 61 -11.81 -28.87 3.62
N GLN B 62 -12.06 -28.90 2.31
CA GLN B 62 -12.83 -30.00 1.75
C GLN B 62 -12.06 -31.28 2.15
N TRP B 63 -10.87 -31.42 1.58
CA TRP B 63 -10.00 -32.56 1.86
C TRP B 63 -9.87 -33.01 3.33
N VAL B 64 -10.21 -32.15 4.30
CA VAL B 64 -10.07 -32.57 5.70
C VAL B 64 -10.95 -33.79 5.96
N PRO B 65 -12.28 -33.62 5.88
CA PRO B 65 -13.24 -34.70 6.09
C PRO B 65 -12.96 -35.93 5.19
N LEU B 66 -13.00 -35.72 3.89
CA LEU B 66 -12.71 -36.78 2.91
C LEU B 66 -11.53 -37.62 3.36
N MET B 67 -10.47 -36.97 3.87
CA MET B 67 -9.27 -37.68 4.29
C MET B 67 -9.42 -38.28 5.68
N ASP B 68 -10.13 -37.59 6.55
CA ASP B 68 -10.33 -38.12 7.88
C ASP B 68 -10.91 -39.50 7.63
N GLU B 69 -12.13 -39.51 7.09
CA GLU B 69 -12.84 -40.74 6.79
C GLU B 69 -11.98 -41.73 6.01
N SER B 70 -11.25 -41.28 5.00
CA SER B 70 -10.42 -42.21 4.22
C SER B 70 -9.31 -42.82 5.08
N TYR B 71 -8.92 -42.12 6.13
CA TYR B 71 -7.91 -42.67 6.99
C TYR B 71 -8.62 -43.75 7.77
N ARG B 72 -9.79 -43.40 8.31
CA ARG B 72 -10.61 -44.31 9.10
C ARG B 72 -10.83 -45.65 8.41
N LYS B 73 -10.76 -45.66 7.09
CA LYS B 73 -10.91 -46.91 6.38
C LYS B 73 -9.71 -47.74 6.83
N SER B 74 -8.52 -47.40 6.32
CA SER B 74 -7.29 -48.12 6.69
C SER B 74 -7.04 -48.06 8.21
N SER B 75 -7.82 -47.24 8.91
CA SER B 75 -7.73 -47.09 10.35
C SER B 75 -8.02 -48.41 11.02
N LYS B 76 -8.63 -48.35 12.22
CA LYS B 76 -8.99 -49.53 13.02
C LYS B 76 -9.66 -50.59 12.14
N ALA B 77 -10.17 -50.13 11.00
CA ALA B 77 -10.83 -50.98 10.02
C ALA B 77 -9.77 -51.48 9.02
N CYS B 78 -8.61 -51.88 9.53
CA CYS B 78 -7.52 -52.41 8.70
C CYS B 78 -6.09 -52.37 9.29
N GLY B 79 -5.99 -52.83 10.54
CA GLY B 79 -4.73 -52.84 11.25
C GLY B 79 -4.83 -51.80 12.34
N ALA B 80 -3.78 -50.99 12.47
CA ALA B 80 -3.65 -49.90 13.46
C ALA B 80 -4.94 -49.29 14.00
N ASN B 81 -4.96 -48.97 15.29
CA ASN B 81 -6.14 -48.37 15.89
C ASN B 81 -6.03 -46.87 15.82
N LEU B 82 -6.89 -46.28 14.98
CA LEU B 82 -6.96 -44.83 14.83
C LEU B 82 -8.15 -44.42 15.70
N PRO B 83 -7.93 -43.46 16.63
CA PRO B 83 -9.02 -43.01 17.51
C PRO B 83 -10.31 -42.76 16.75
N GLU B 84 -11.42 -42.89 17.47
CA GLU B 84 -12.75 -42.66 16.88
C GLU B 84 -12.89 -41.18 16.53
N ASN B 85 -12.63 -40.33 17.52
CA ASN B 85 -12.70 -38.88 17.34
C ASN B 85 -11.27 -38.39 16.99
N PHE B 86 -10.87 -38.64 15.74
CA PHE B 86 -9.56 -38.24 15.25
C PHE B 86 -9.67 -37.40 13.96
N SER B 87 -8.79 -36.40 13.83
CA SER B 87 -8.75 -35.52 12.66
C SER B 87 -7.38 -34.87 12.37
N ILE B 88 -6.91 -35.11 11.16
CA ILE B 88 -5.64 -34.61 10.67
C ILE B 88 -5.70 -33.10 10.36
N SER B 89 -6.85 -32.45 10.59
CA SER B 89 -7.00 -31.03 10.27
C SER B 89 -6.14 -30.09 11.09
N GLN B 90 -6.26 -30.16 12.41
CA GLN B 90 -5.51 -29.25 13.26
C GLN B 90 -4.01 -29.57 13.32
N ILE B 91 -3.66 -30.85 13.17
CA ILE B 91 -2.23 -31.20 13.20
C ILE B 91 -1.55 -30.69 11.90
N PHE B 92 -2.30 -30.71 10.81
CA PHE B 92 -1.83 -30.23 9.51
C PHE B 92 -1.63 -28.72 9.48
N SER B 93 -2.72 -27.96 9.57
CA SER B 93 -2.66 -26.49 9.55
C SER B 93 -1.68 -25.90 10.55
N GLN B 94 -1.47 -26.56 11.69
CA GLN B 94 -0.55 -26.08 12.71
C GLN B 94 0.92 -26.29 12.34
N ALA B 95 1.21 -27.43 11.73
CA ALA B 95 2.56 -27.75 11.32
C ALA B 95 2.92 -26.91 10.10
N MET B 96 1.91 -26.50 9.36
CA MET B 96 2.14 -25.70 8.17
C MET B 96 2.36 -24.27 8.60
N ALA B 97 1.64 -23.87 9.63
CA ALA B 97 1.74 -22.51 10.14
C ALA B 97 3.03 -22.35 10.91
N ALA B 98 3.41 -23.42 11.59
CA ALA B 98 4.62 -23.42 12.40
C ALA B 98 5.89 -23.61 11.58
N ARG B 99 5.75 -23.62 10.25
CA ARG B 99 6.90 -23.78 9.34
C ARG B 99 7.37 -22.43 8.71
N SER B 100 8.69 -22.21 8.66
CA SER B 100 9.26 -20.97 8.09
C SER B 100 10.35 -21.12 7.00
N ILE B 101 10.85 -19.98 6.51
CA ILE B 101 11.89 -19.96 5.46
C ILE B 101 13.29 -20.43 5.86
N ASN B 102 13.93 -21.17 4.94
CA ASN B 102 15.29 -21.69 5.12
C ASN B 102 16.23 -20.64 4.53
N ARG B 103 16.61 -19.67 5.36
CA ARG B 103 17.47 -18.57 4.93
C ARG B 103 18.73 -18.93 4.12
N PRO B 104 19.60 -19.76 4.67
CA PRO B 104 20.79 -20.12 3.91
C PRO B 104 20.45 -20.72 2.56
N MET B 105 19.18 -21.09 2.41
CA MET B 105 18.67 -21.69 1.16
C MET B 105 18.17 -20.60 0.26
N LEU B 106 17.28 -19.78 0.80
CA LEU B 106 16.73 -18.65 0.06
C LEU B 106 17.95 -17.82 -0.29
N GLN B 107 18.89 -17.73 0.66
CA GLN B 107 20.17 -17.00 0.53
C GLN B 107 20.94 -17.62 -0.62
N ALA B 108 20.96 -18.95 -0.60
CA ALA B 108 21.60 -19.75 -1.64
C ALA B 108 20.93 -19.46 -3.01
N ALA B 109 19.60 -19.32 -3.00
CA ALA B 109 18.81 -19.04 -4.20
C ALA B 109 19.13 -17.66 -4.77
N ILE B 110 19.06 -16.63 -3.92
CA ILE B 110 19.33 -15.29 -4.37
C ILE B 110 20.73 -15.18 -4.98
N ALA B 111 21.60 -16.10 -4.59
CA ALA B 111 22.95 -16.09 -5.11
C ALA B 111 22.95 -16.40 -6.59
N LEU B 112 22.66 -17.66 -6.91
CA LEU B 112 22.65 -18.10 -8.30
C LEU B 112 21.78 -17.28 -9.22
N LYS B 113 20.84 -16.53 -8.63
CA LYS B 113 19.97 -15.65 -9.41
C LYS B 113 20.85 -14.43 -9.75
N LYS B 114 21.58 -13.96 -8.74
CA LYS B 114 22.48 -12.84 -8.91
C LYS B 114 23.51 -13.34 -9.90
N LYS B 115 24.05 -14.53 -9.62
CA LYS B 115 25.03 -15.12 -10.51
C LYS B 115 24.49 -15.11 -11.94
N GLY B 116 23.18 -15.27 -12.07
CA GLY B 116 22.57 -15.31 -13.38
C GLY B 116 22.09 -16.72 -13.68
N PHE B 117 21.16 -17.22 -12.86
CA PHE B 117 20.61 -18.57 -13.02
C PHE B 117 19.10 -18.48 -13.14
N THR B 118 18.47 -19.59 -13.48
CA THR B 118 17.02 -19.59 -13.52
C THR B 118 16.65 -20.24 -12.22
N THR B 119 16.10 -19.40 -11.36
CA THR B 119 15.69 -19.74 -10.03
C THR B 119 14.22 -20.13 -10.01
N CYS B 120 13.89 -21.27 -9.41
CA CYS B 120 12.50 -21.67 -9.35
C CYS B 120 12.11 -22.75 -8.34
N ILE B 121 10.82 -22.82 -8.08
CA ILE B 121 10.24 -23.76 -7.15
C ILE B 121 9.22 -24.68 -7.82
N VAL B 122 9.31 -25.96 -7.50
CA VAL B 122 8.36 -26.94 -8.02
C VAL B 122 7.92 -27.75 -6.80
N THR B 123 6.72 -27.46 -6.31
CA THR B 123 6.18 -28.12 -5.13
C THR B 123 4.78 -28.73 -5.32
N ASN B 124 4.52 -29.79 -4.55
CA ASN B 124 3.21 -30.43 -4.57
C ASN B 124 2.48 -29.53 -3.58
N ASN B 125 1.83 -28.53 -4.14
CA ASN B 125 1.09 -27.50 -3.41
C ASN B 125 -0.36 -27.90 -3.27
N TRP B 126 -1.12 -27.00 -2.67
CA TRP B 126 -2.54 -27.20 -2.48
C TRP B 126 -3.14 -25.83 -2.27
N LEU B 127 -4.46 -25.72 -2.35
CA LEU B 127 -5.09 -24.43 -2.16
C LEU B 127 -5.54 -24.35 -0.73
N ASP B 128 -4.85 -23.54 0.05
CA ASP B 128 -5.19 -23.44 1.44
C ASP B 128 -6.22 -22.38 1.73
N ASP B 129 -7.45 -22.82 1.99
CA ASP B 129 -8.52 -21.91 2.35
C ASP B 129 -8.74 -21.90 3.88
N GLY B 130 -7.68 -22.33 4.61
CA GLY B 130 -7.67 -22.37 6.09
C GLY B 130 -7.70 -21.05 6.85
N ASP B 131 -7.73 -21.13 8.18
CA ASP B 131 -7.78 -19.92 9.02
C ASP B 131 -6.40 -19.23 9.05
N LYS B 132 -5.36 -20.04 9.17
CA LYS B 132 -3.99 -19.56 9.18
C LYS B 132 -3.54 -19.68 7.75
N ARG B 133 -4.40 -19.31 6.82
CA ARG B 133 -4.11 -19.44 5.38
C ARG B 133 -3.14 -18.38 4.95
N ASP B 134 -3.09 -17.34 5.78
CA ASP B 134 -2.20 -16.21 5.58
C ASP B 134 -0.72 -16.64 5.61
N SER B 135 -0.31 -17.31 6.69
CA SER B 135 1.06 -17.76 6.84
C SER B 135 1.69 -18.22 5.52
N LEU B 136 0.90 -18.97 4.76
CA LEU B 136 1.32 -19.52 3.48
C LEU B 136 1.47 -18.38 2.49
N ALA B 137 0.56 -17.40 2.56
CA ALA B 137 0.59 -16.26 1.64
C ALA B 137 1.85 -15.40 1.82
N GLN B 138 2.21 -15.13 3.08
CA GLN B 138 3.37 -14.34 3.39
C GLN B 138 4.60 -15.06 2.86
N MET B 139 4.72 -16.36 3.18
CA MET B 139 5.88 -17.15 2.75
C MET B 139 5.98 -17.13 1.24
N MET B 140 4.82 -17.06 0.61
CA MET B 140 4.76 -17.06 -0.82
C MET B 140 4.94 -15.68 -1.38
N CYS B 141 4.45 -14.67 -0.65
CA CYS B 141 4.65 -13.28 -1.08
C CYS B 141 6.14 -13.01 -1.19
N GLU B 142 6.82 -13.09 -0.06
CA GLU B 142 8.26 -12.83 0.02
C GLU B 142 9.21 -13.76 -0.78
N LEU B 143 8.78 -14.99 -1.08
CA LEU B 143 9.63 -15.92 -1.83
C LEU B 143 9.54 -15.62 -3.28
N SER B 144 8.45 -14.94 -3.59
CA SER B 144 8.05 -14.56 -4.93
C SER B 144 9.09 -13.88 -5.74
N GLN B 145 9.85 -13.00 -5.10
CA GLN B 145 10.87 -12.23 -5.79
C GLN B 145 12.03 -13.04 -6.32
N HIS B 146 12.64 -13.76 -5.41
CA HIS B 146 13.80 -14.53 -5.72
C HIS B 146 13.66 -15.54 -6.82
N PHE B 147 12.45 -16.02 -7.08
CA PHE B 147 12.33 -17.01 -8.12
C PHE B 147 11.66 -16.55 -9.36
N ASP B 148 12.19 -17.03 -10.48
CA ASP B 148 11.67 -16.71 -11.80
C ASP B 148 10.36 -17.44 -12.02
N PHE B 149 10.37 -18.75 -11.77
CA PHE B 149 9.19 -19.62 -11.93
C PHE B 149 8.67 -20.34 -10.66
N LEU B 150 7.35 -20.56 -10.64
CA LEU B 150 6.67 -21.26 -9.54
C LEU B 150 5.68 -22.30 -10.12
N ILE B 151 6.05 -23.56 -9.96
CA ILE B 151 5.24 -24.66 -10.48
C ILE B 151 4.59 -25.46 -9.33
N GLU B 152 3.37 -25.04 -9.00
CA GLU B 152 2.62 -25.70 -7.94
C GLU B 152 1.74 -26.81 -8.48
N SER B 153 1.96 -28.02 -7.96
CA SER B 153 1.22 -29.22 -8.32
C SER B 153 -0.25 -28.86 -8.38
N CYS B 154 -0.66 -28.09 -7.39
CA CYS B 154 -2.04 -27.66 -7.25
C CYS B 154 -2.47 -26.52 -8.20
N GLN B 155 -1.69 -26.26 -9.24
CA GLN B 155 -2.02 -25.20 -10.17
C GLN B 155 -1.97 -25.73 -11.55
N VAL B 156 -0.96 -26.56 -11.79
CA VAL B 156 -0.76 -27.17 -13.11
C VAL B 156 -1.47 -28.52 -13.25
N GLY B 157 -1.84 -29.10 -12.10
CA GLY B 157 -2.54 -30.37 -12.05
C GLY B 157 -1.73 -31.64 -12.27
N MET B 158 -0.52 -31.71 -11.71
CA MET B 158 0.33 -32.88 -11.90
C MET B 158 1.29 -33.03 -10.74
N ILE B 159 0.85 -33.74 -9.71
CA ILE B 159 1.68 -33.92 -8.54
C ILE B 159 2.93 -34.73 -8.83
N LYS B 160 3.89 -34.68 -7.90
CA LYS B 160 5.16 -35.39 -7.99
C LYS B 160 4.97 -36.77 -7.37
N PRO B 161 5.73 -37.79 -7.85
CA PRO B 161 6.72 -37.75 -8.91
C PRO B 161 6.19 -38.11 -10.28
N GLU B 162 4.91 -37.84 -10.53
CA GLU B 162 4.37 -38.15 -11.85
C GLU B 162 5.28 -37.39 -12.82
N PRO B 163 5.68 -38.02 -13.92
CA PRO B 163 6.57 -37.36 -14.88
C PRO B 163 6.05 -36.13 -15.63
N GLN B 164 4.73 -35.99 -15.78
CA GLN B 164 4.19 -34.84 -16.50
C GLN B 164 4.73 -33.53 -16.00
N ILE B 165 4.87 -33.40 -14.68
CA ILE B 165 5.39 -32.18 -14.04
C ILE B 165 6.84 -31.91 -14.43
N TYR B 166 7.71 -32.89 -14.18
CA TYR B 166 9.12 -32.75 -14.54
C TYR B 166 9.19 -32.43 -16.04
N ASN B 167 8.56 -33.27 -16.86
CA ASN B 167 8.54 -33.06 -18.31
C ASN B 167 7.99 -31.68 -18.63
N PHE B 168 7.23 -31.11 -17.70
CA PHE B 168 6.63 -29.78 -17.88
C PHE B 168 7.54 -28.67 -17.36
N LEU B 169 8.28 -28.98 -16.28
CA LEU B 169 9.22 -28.04 -15.63
C LEU B 169 10.24 -27.56 -16.63
N LEU B 170 10.54 -28.44 -17.58
CA LEU B 170 11.51 -28.15 -18.61
C LEU B 170 10.88 -27.34 -19.76
N ASP B 171 9.78 -27.79 -20.33
CA ASP B 171 9.15 -27.06 -21.45
C ASP B 171 9.01 -25.56 -21.13
N THR B 172 8.76 -25.30 -19.85
CA THR B 172 8.59 -23.94 -19.32
C THR B 172 9.96 -23.27 -19.25
N LEU B 173 10.90 -23.98 -18.67
CA LEU B 173 12.25 -23.49 -18.53
C LEU B 173 12.95 -23.55 -19.89
N LYS B 174 12.28 -24.19 -20.86
CA LYS B 174 12.83 -24.37 -22.21
C LYS B 174 14.32 -24.69 -22.09
N ALA B 175 14.64 -25.89 -21.58
CA ALA B 175 16.03 -26.27 -21.39
C ALA B 175 16.25 -27.79 -21.30
N LYS B 176 17.51 -28.18 -21.12
CA LYS B 176 17.83 -29.60 -21.00
C LYS B 176 17.74 -29.96 -19.53
N PRO B 177 17.53 -31.25 -19.22
CA PRO B 177 17.42 -31.71 -17.84
C PRO B 177 18.78 -31.64 -17.10
N ASN B 178 19.86 -31.78 -17.87
CA ASN B 178 21.19 -31.72 -17.28
C ASN B 178 21.51 -30.27 -16.94
N GLU B 179 20.85 -29.37 -17.69
CA GLU B 179 20.98 -27.91 -17.55
C GLU B 179 20.40 -27.39 -16.23
N VAL B 180 19.52 -28.20 -15.64
CA VAL B 180 18.87 -27.87 -14.37
C VAL B 180 19.26 -28.84 -13.27
N VAL B 181 19.17 -28.33 -12.06
CA VAL B 181 19.49 -29.07 -10.85
C VAL B 181 18.23 -29.11 -9.98
N PHE B 182 17.93 -30.28 -9.44
CA PHE B 182 16.73 -30.45 -8.62
C PHE B 182 16.96 -30.72 -7.12
N LEU B 183 16.41 -29.82 -6.31
CA LEU B 183 16.52 -29.89 -4.86
C LEU B 183 15.22 -30.35 -4.22
N ASP B 184 15.22 -31.58 -3.73
CA ASP B 184 14.04 -32.11 -3.06
C ASP B 184 14.47 -32.75 -1.77
N ASP B 185 13.51 -33.02 -0.90
CA ASP B 185 13.81 -33.62 0.39
C ASP B 185 13.29 -35.04 0.56
N PHE B 186 12.72 -35.61 -0.51
CA PHE B 186 12.19 -36.97 -0.41
C PHE B 186 13.08 -37.99 -1.09
N GLY B 187 13.75 -37.55 -2.14
CA GLY B 187 14.62 -38.44 -2.88
C GLY B 187 13.77 -39.24 -3.82
N SER B 188 12.59 -39.61 -3.32
CA SER B 188 11.62 -40.36 -4.08
C SER B 188 11.15 -39.47 -5.25
N ASN B 189 11.13 -38.15 -5.02
CA ASN B 189 10.72 -37.21 -6.05
C ASN B 189 11.93 -36.95 -6.90
N LEU B 190 13.09 -37.34 -6.37
CA LEU B 190 14.35 -37.15 -7.05
C LEU B 190 14.70 -38.25 -8.04
N LYS B 191 14.18 -39.45 -7.82
CA LYS B 191 14.45 -40.56 -8.74
C LYS B 191 14.19 -40.15 -10.21
N PRO B 192 12.92 -39.85 -10.59
CA PRO B 192 12.63 -39.45 -11.99
C PRO B 192 13.41 -38.23 -12.51
N ALA B 193 13.88 -37.40 -11.57
CA ALA B 193 14.66 -36.21 -11.88
C ALA B 193 16.04 -36.65 -12.41
N ARG B 194 16.68 -37.58 -11.71
CA ARG B 194 17.97 -38.09 -12.13
C ARG B 194 17.74 -38.84 -13.43
N ASP B 195 16.87 -39.84 -13.36
CA ASP B 195 16.53 -40.66 -14.51
C ASP B 195 16.23 -39.86 -15.75
N MET B 196 15.91 -38.58 -15.57
CA MET B 196 15.59 -37.72 -16.71
C MET B 196 16.82 -36.99 -17.26
N GLY B 197 17.94 -37.11 -16.55
CA GLY B 197 19.17 -36.46 -16.95
C GLY B 197 19.33 -35.10 -16.30
N MET B 198 18.82 -34.98 -15.07
CA MET B 198 18.87 -33.75 -14.30
C MET B 198 19.80 -33.98 -13.10
N VAL B 199 20.20 -32.90 -12.46
CA VAL B 199 21.09 -33.00 -11.31
C VAL B 199 20.32 -33.38 -10.02
N THR B 200 20.67 -34.48 -9.36
CA THR B 200 19.96 -34.93 -8.14
C THR B 200 20.59 -34.66 -6.79
N ILE B 201 20.07 -33.66 -6.09
CA ILE B 201 20.60 -33.30 -4.78
C ILE B 201 19.55 -33.42 -3.69
N LEU B 202 19.69 -34.46 -2.88
CA LEU B 202 18.74 -34.71 -1.81
C LEU B 202 18.93 -33.72 -0.67
N VAL B 203 17.95 -32.85 -0.49
CA VAL B 203 17.96 -31.81 0.54
C VAL B 203 17.60 -32.28 1.96
N HIS B 204 18.15 -33.42 2.35
CA HIS B 204 17.92 -33.93 3.71
C HIS B 204 18.73 -32.96 4.58
N ASN B 205 18.68 -33.11 5.91
CA ASN B 205 19.42 -32.22 6.83
C ASN B 205 18.59 -30.92 7.03
N THR B 206 19.24 -29.78 6.79
CA THR B 206 18.62 -28.46 6.92
C THR B 206 19.37 -27.50 5.95
N ALA B 207 19.83 -28.08 4.84
CA ALA B 207 20.62 -27.44 3.77
C ALA B 207 22.01 -27.89 4.13
N SER B 208 22.69 -27.06 4.93
CA SER B 208 24.03 -27.31 5.46
C SER B 208 25.02 -28.08 4.58
N ALA B 209 24.81 -29.40 4.54
CA ALA B 209 25.61 -30.33 3.76
C ALA B 209 25.19 -30.27 2.29
N LEU B 210 23.89 -30.12 2.09
CA LEU B 210 23.33 -30.02 0.76
C LEU B 210 23.74 -28.66 0.23
N ARG B 211 24.30 -27.85 1.13
CA ARG B 211 24.76 -26.52 0.78
C ARG B 211 26.19 -26.62 0.20
N GLU B 212 26.91 -27.64 0.67
CA GLU B 212 28.29 -27.90 0.25
C GLU B 212 28.33 -28.75 -1.02
N LEU B 213 27.57 -29.85 -1.03
CA LEU B 213 27.53 -30.70 -2.22
C LEU B 213 26.81 -29.88 -3.27
N GLU B 214 26.50 -28.65 -2.88
CA GLU B 214 25.81 -27.68 -3.72
C GLU B 214 26.86 -26.65 -4.19
N LYS B 215 27.68 -26.17 -3.24
CA LYS B 215 28.74 -25.21 -3.55
C LYS B 215 29.51 -25.79 -4.73
N VAL B 216 29.73 -27.11 -4.65
CA VAL B 216 30.43 -27.90 -5.65
C VAL B 216 30.25 -27.39 -7.09
N THR B 217 29.00 -27.16 -7.51
CA THR B 217 28.73 -26.68 -8.86
C THR B 217 28.10 -25.29 -8.91
N GLY B 218 28.67 -24.44 -9.76
CA GLY B 218 28.21 -23.07 -9.89
C GLY B 218 29.20 -22.11 -9.22
N THR B 219 29.30 -22.20 -7.88
CA THR B 219 30.20 -21.36 -7.08
C THR B 219 30.06 -21.71 -5.59
N GLN B 220 30.51 -20.80 -4.72
CA GLN B 220 30.44 -20.94 -3.27
C GLN B 220 29.58 -19.76 -2.77
N PHE B 221 28.94 -19.93 -1.62
CA PHE B 221 28.08 -18.86 -1.11
C PHE B 221 28.60 -18.23 0.18
N PRO B 222 28.27 -16.95 0.41
CA PRO B 222 28.66 -16.17 1.58
C PRO B 222 28.52 -16.93 2.89
N GLU B 223 28.93 -16.29 3.98
CA GLU B 223 28.91 -16.88 5.32
C GLU B 223 27.76 -16.27 6.11
N ALA B 224 27.48 -15.02 5.79
CA ALA B 224 26.41 -14.22 6.38
C ALA B 224 26.30 -13.10 5.35
N PRO B 225 25.43 -13.28 4.35
CA PRO B 225 25.23 -12.30 3.28
C PRO B 225 24.43 -11.03 3.61
N LEU B 226 24.24 -10.21 2.58
CA LEU B 226 23.54 -8.93 2.70
C LEU B 226 22.03 -9.01 2.54
N PRO B 227 21.29 -8.40 3.49
CA PRO B 227 19.82 -8.34 3.54
C PRO B 227 19.26 -7.93 2.20
N VAL B 228 18.05 -8.41 1.90
CA VAL B 228 17.43 -8.12 0.62
C VAL B 228 17.13 -6.67 0.36
N PRO B 229 17.76 -6.10 -0.67
CA PRO B 229 17.59 -4.71 -1.07
C PRO B 229 16.53 -4.66 -2.16
N CYS B 230 15.43 -3.96 -1.88
CA CYS B 230 14.36 -3.82 -2.85
C CYS B 230 14.99 -3.23 -4.12
N ASN B 231 14.82 -3.86 -5.27
CA ASN B 231 15.49 -3.32 -6.43
C ASN B 231 14.88 -3.43 -7.81
N PRO B 232 14.22 -2.38 -8.27
CA PRO B 232 13.70 -1.01 -8.16
C PRO B 232 12.45 -0.85 -9.08
N ASN B 233 12.52 -1.49 -10.24
CA ASN B 233 11.43 -1.50 -11.22
C ASN B 233 10.39 -2.50 -10.69
N ASP B 234 10.86 -3.34 -9.76
CA ASP B 234 10.04 -4.36 -9.14
C ASP B 234 9.29 -3.74 -8.00
N VAL B 235 9.37 -2.43 -7.84
CA VAL B 235 8.64 -1.86 -6.73
C VAL B 235 7.46 -1.01 -7.16
N SER B 236 6.58 -0.74 -6.21
CA SER B 236 5.42 0.12 -6.45
C SER B 236 5.91 1.59 -6.38
N HIS B 237 5.31 2.48 -7.16
CA HIS B 237 5.74 3.87 -7.16
C HIS B 237 4.58 4.82 -6.86
N GLY B 238 4.58 5.40 -5.65
CA GLY B 238 3.52 6.32 -5.27
C GLY B 238 3.79 7.73 -5.73
N TYR B 239 2.74 8.54 -5.83
CA TYR B 239 2.87 9.90 -6.26
C TYR B 239 1.74 10.71 -5.63
N VAL B 240 2.08 11.60 -4.72
CA VAL B 240 1.09 12.42 -4.04
C VAL B 240 1.34 13.87 -4.38
N THR B 241 0.27 14.62 -4.65
CA THR B 241 0.44 16.01 -4.96
C THR B 241 -0.11 16.77 -3.78
N VAL B 242 0.82 17.24 -2.94
CA VAL B 242 0.50 17.97 -1.72
C VAL B 242 0.15 19.45 -1.88
N LYS B 243 0.56 20.06 -2.98
CA LYS B 243 0.31 21.47 -3.18
C LYS B 243 0.53 21.69 -4.65
N PRO B 244 -0.28 22.58 -5.27
CA PRO B 244 -0.19 22.89 -6.69
C PRO B 244 1.01 22.36 -7.45
N GLY B 245 2.11 23.08 -7.45
CA GLY B 245 3.22 22.60 -8.23
C GLY B 245 3.98 21.47 -7.61
N ILE B 246 3.75 21.27 -6.31
CA ILE B 246 4.49 20.27 -5.54
C ILE B 246 3.92 18.89 -5.27
N ARG B 247 4.65 17.88 -5.74
CA ARG B 247 4.25 16.50 -5.56
C ARG B 247 5.42 15.66 -5.01
N LEU B 248 5.11 14.77 -4.07
CA LEU B 248 6.11 13.90 -3.47
C LEU B 248 6.06 12.45 -4.02
N HIS B 249 7.17 11.95 -4.56
CA HIS B 249 7.18 10.60 -5.08
C HIS B 249 7.68 9.67 -3.98
N PHE B 250 7.28 8.40 -4.03
CA PHE B 250 7.78 7.46 -3.04
C PHE B 250 7.64 6.03 -3.50
N VAL B 251 8.10 5.10 -2.68
CA VAL B 251 8.05 3.68 -3.02
C VAL B 251 7.39 2.95 -1.87
N GLU B 252 6.53 1.98 -2.20
CA GLU B 252 5.77 1.24 -1.19
C GLU B 252 5.99 -0.28 -1.18
N MET B 253 6.08 -0.82 0.02
CA MET B 253 6.24 -2.25 0.16
C MET B 253 5.76 -2.71 1.51
N GLY B 254 4.96 -3.77 1.52
CA GLY B 254 4.45 -4.30 2.76
C GLY B 254 3.09 -3.74 3.15
N SER B 255 2.48 -4.40 4.14
CA SER B 255 1.18 -3.98 4.63
C SER B 255 1.18 -3.62 6.10
N GLY B 256 0.52 -2.47 6.37
CA GLY B 256 0.35 -1.85 7.67
C GLY B 256 1.05 -2.44 8.86
N PRO B 257 1.44 -1.63 9.85
CA PRO B 257 1.24 -0.18 9.90
C PRO B 257 2.34 0.56 9.15
N ALA B 258 2.08 1.84 8.92
CA ALA B 258 2.95 2.71 8.16
C ALA B 258 4.20 3.29 8.80
N LEU B 259 5.29 3.29 8.03
CA LEU B 259 6.56 3.87 8.47
C LEU B 259 7.25 4.52 7.25
N CYS B 260 7.37 5.85 7.30
CA CYS B 260 8.01 6.59 6.19
C CYS B 260 9.50 6.73 6.42
N LEU B 261 10.27 6.18 5.49
CA LEU B 261 11.74 6.27 5.52
C LEU B 261 12.20 7.55 4.83
N CYS B 262 12.76 8.48 5.59
CA CYS B 262 13.22 9.73 4.99
C CYS B 262 14.73 9.85 4.85
N HIS B 263 15.20 10.06 3.62
CA HIS B 263 16.63 10.15 3.30
C HIS B 263 17.37 11.51 3.50
N GLY B 264 18.70 11.46 3.37
CA GLY B 264 19.51 12.66 3.53
C GLY B 264 20.28 13.17 2.31
N PHE B 265 21.14 14.14 2.56
CA PHE B 265 21.92 14.73 1.49
C PHE B 265 23.24 14.04 1.28
N PRO B 266 23.59 13.75 0.03
CA PRO B 266 22.80 14.00 -1.19
C PRO B 266 22.30 12.63 -1.70
N GLU B 267 21.23 12.09 -1.13
CA GLU B 267 20.77 10.75 -1.56
C GLU B 267 19.40 10.57 -2.24
N SER B 268 18.71 9.49 -1.86
CA SER B 268 17.38 9.18 -2.41
C SER B 268 16.68 8.10 -1.61
N TRP B 269 15.53 7.66 -2.08
CA TRP B 269 14.80 6.60 -1.39
C TRP B 269 15.59 5.32 -1.62
N PHE B 270 16.34 5.28 -2.74
CA PHE B 270 17.09 4.10 -3.06
C PHE B 270 18.13 3.86 -1.99
N SER B 271 18.37 4.86 -1.16
CA SER B 271 19.33 4.71 -0.08
C SER B 271 18.83 3.66 0.93
N TRP B 272 17.51 3.60 1.12
CA TRP B 272 16.93 2.63 2.05
C TRP B 272 16.71 1.26 1.40
N ARG B 273 17.24 1.09 0.20
CA ARG B 273 17.07 -0.18 -0.51
C ARG B 273 17.21 -1.39 0.39
N TYR B 274 18.21 -1.39 1.25
CA TYR B 274 18.41 -2.53 2.14
C TYR B 274 17.42 -2.67 3.28
N GLN B 275 16.80 -1.57 3.67
CA GLN B 275 15.87 -1.65 4.78
C GLN B 275 14.42 -1.80 4.32
N ILE B 276 14.11 -1.25 3.15
CA ILE B 276 12.75 -1.32 2.58
C ILE B 276 12.11 -2.73 2.66
N PRO B 277 12.72 -3.75 2.04
CA PRO B 277 12.15 -5.10 2.10
C PRO B 277 12.01 -5.58 3.53
N ALA B 278 13.16 -5.85 4.16
CA ALA B 278 13.19 -6.35 5.53
C ALA B 278 12.10 -5.75 6.39
N LEU B 279 12.01 -4.42 6.40
CA LEU B 279 11.02 -3.77 7.21
C LEU B 279 9.60 -4.16 6.84
N ALA B 280 9.36 -4.36 5.54
CA ALA B 280 8.04 -4.76 5.05
C ALA B 280 7.79 -6.11 5.66
N GLN B 281 8.75 -6.99 5.44
CA GLN B 281 8.71 -8.33 5.96
C GLN B 281 8.62 -8.32 7.48
N ALA B 282 9.18 -7.29 8.09
CA ALA B 282 9.11 -7.19 9.54
C ALA B 282 7.66 -7.01 9.92
N GLY B 283 6.80 -6.81 8.92
CA GLY B 283 5.39 -6.60 9.20
C GLY B 283 4.97 -5.14 9.16
N PHE B 284 5.50 -4.38 8.21
CA PHE B 284 5.13 -2.96 8.12
C PHE B 284 4.92 -2.49 6.70
N ARG B 285 4.11 -1.43 6.53
CA ARG B 285 3.87 -0.86 5.21
C ARG B 285 4.94 0.21 5.10
N VAL B 286 5.94 -0.05 4.28
CA VAL B 286 7.04 0.90 4.12
C VAL B 286 6.81 1.97 3.05
N LEU B 287 7.18 3.21 3.36
CA LEU B 287 7.05 4.31 2.40
C LEU B 287 8.36 5.09 2.19
N ALA B 288 9.31 4.44 1.55
CA ALA B 288 10.60 5.06 1.25
C ALA B 288 10.40 6.27 0.32
N ILE B 289 10.23 7.46 0.92
CA ILE B 289 10.02 8.70 0.17
C ILE B 289 11.28 9.43 -0.39
N ASP B 290 11.06 10.12 -1.53
CA ASP B 290 12.04 10.94 -2.27
C ASP B 290 11.76 12.34 -1.73
N MET B 291 12.58 12.82 -0.80
CA MET B 291 12.38 14.15 -0.19
C MET B 291 12.23 15.31 -1.18
N LYS B 292 11.60 16.39 -0.73
CA LYS B 292 11.46 17.57 -1.61
C LYS B 292 12.80 17.94 -2.29
N GLY B 293 12.76 18.19 -3.61
CA GLY B 293 13.96 18.54 -4.33
C GLY B 293 14.75 17.33 -4.84
N TYR B 294 14.34 16.12 -4.48
CA TYR B 294 15.08 14.94 -4.91
C TYR B 294 14.38 14.02 -5.90
N GLY B 295 15.19 13.38 -6.73
CA GLY B 295 14.69 12.45 -7.72
C GLY B 295 13.35 12.68 -8.40
N ASP B 296 12.38 11.85 -8.06
CA ASP B 296 11.06 11.95 -8.69
C ASP B 296 10.00 12.86 -8.08
N SER B 297 10.31 13.55 -6.99
CA SER B 297 9.38 14.50 -6.40
C SER B 297 9.74 15.89 -6.92
N SER B 298 8.89 16.88 -6.66
CA SER B 298 9.13 18.23 -7.13
C SER B 298 10.43 18.81 -6.57
N SER B 299 11.09 19.65 -7.38
CA SER B 299 12.36 20.32 -7.02
C SER B 299 12.21 21.80 -7.26
N PRO B 300 11.29 22.49 -6.55
CA PRO B 300 11.24 23.91 -6.89
C PRO B 300 12.54 24.59 -6.57
N PRO B 301 12.96 25.53 -7.44
CA PRO B 301 14.20 26.31 -7.31
C PRO B 301 14.30 27.21 -6.06
N GLU B 302 13.21 27.91 -5.74
CA GLU B 302 13.22 28.83 -4.59
C GLU B 302 13.72 28.20 -3.29
N ILE B 303 14.33 29.01 -2.46
CA ILE B 303 14.88 28.50 -1.21
C ILE B 303 13.84 28.40 -0.11
N GLU B 304 13.01 29.42 0.05
CA GLU B 304 12.01 29.40 1.11
C GLU B 304 11.26 28.10 1.00
N GLU B 305 11.25 27.56 -0.21
CA GLU B 305 10.55 26.32 -0.51
C GLU B 305 11.11 25.10 0.26
N TYR B 306 12.29 25.22 0.86
CA TYR B 306 12.88 24.10 1.59
C TYR B 306 13.05 24.39 3.08
N ALA B 307 12.33 25.40 3.57
CA ALA B 307 12.40 25.74 4.96
C ALA B 307 11.98 24.47 5.70
N MET B 308 12.52 24.23 6.89
CA MET B 308 12.14 23.03 7.65
C MET B 308 10.67 23.05 8.03
N GLU B 309 10.18 24.23 8.42
CA GLU B 309 8.78 24.39 8.79
C GLU B 309 7.88 23.95 7.65
N LEU B 310 8.29 24.30 6.43
CA LEU B 310 7.56 23.96 5.20
C LEU B 310 7.60 22.47 4.88
N LEU B 311 8.76 21.84 5.04
CA LEU B 311 8.87 20.44 4.77
C LEU B 311 8.11 19.55 5.77
N CYS B 312 8.17 19.91 7.05
CA CYS B 312 7.50 19.14 8.09
C CYS B 312 5.99 19.24 7.90
N LYS B 313 5.52 20.41 7.48
CA LYS B 313 4.10 20.62 7.25
C LYS B 313 3.72 19.88 5.95
N GLU B 314 4.55 19.99 4.93
CA GLU B 314 4.28 19.32 3.69
C GLU B 314 4.32 17.85 3.96
N MET B 315 4.89 17.48 5.08
CA MET B 315 4.96 16.08 5.44
C MET B 315 3.58 15.62 5.91
N VAL B 316 2.92 16.47 6.69
CA VAL B 316 1.60 16.10 7.18
C VAL B 316 0.63 16.09 6.00
N THR B 317 0.78 17.04 5.09
CA THR B 317 -0.09 17.08 3.94
C THR B 317 0.04 15.76 3.18
N PHE B 318 1.24 15.24 3.11
CA PHE B 318 1.48 13.97 2.43
C PHE B 318 0.68 12.84 3.08
N LEU B 319 0.74 12.75 4.41
CA LEU B 319 0.00 11.69 5.08
C LEU B 319 -1.49 11.89 4.87
N ASP B 320 -1.93 13.15 4.96
CA ASP B 320 -3.35 13.50 4.81
C ASP B 320 -3.97 12.99 3.50
N LYS B 321 -3.38 13.40 2.37
CA LYS B 321 -3.85 12.98 1.06
C LYS B 321 -3.87 11.44 0.95
N LEU B 322 -2.88 10.80 1.58
CA LEU B 322 -2.80 9.34 1.53
C LEU B 322 -3.81 8.70 2.51
N GLY B 323 -4.43 9.55 3.31
CA GLY B 323 -5.40 9.08 4.26
C GLY B 323 -4.82 8.40 5.48
N ILE B 324 -3.58 8.73 5.80
CA ILE B 324 -2.98 8.12 6.96
C ILE B 324 -2.93 9.11 8.12
N PRO B 325 -3.39 8.67 9.31
CA PRO B 325 -3.38 9.57 10.46
C PRO B 325 -2.06 9.56 11.26
N GLN B 326 -1.33 8.47 11.18
CA GLN B 326 -0.10 8.36 11.94
C GLN B 326 0.90 7.45 11.25
N ALA B 327 2.17 7.79 11.38
CA ALA B 327 3.26 7.01 10.82
C ALA B 327 4.43 7.06 11.78
N VAL B 328 5.33 6.10 11.60
CA VAL B 328 6.55 6.01 12.39
C VAL B 328 7.50 6.69 11.40
N PHE B 329 8.12 7.77 11.84
CA PHE B 329 9.07 8.51 11.00
C PHE B 329 10.49 8.14 11.36
N ILE B 330 11.21 7.70 10.35
CA ILE B 330 12.59 7.29 10.54
C ILE B 330 13.47 8.15 9.66
N GLY B 331 14.16 9.11 10.26
CA GLY B 331 15.03 9.97 9.46
C GLY B 331 16.52 9.71 9.54
N HIS B 332 17.24 10.24 8.56
CA HIS B 332 18.70 10.12 8.51
C HIS B 332 19.25 11.37 7.87
N ASP B 333 20.42 11.81 8.32
CA ASP B 333 21.08 13.02 7.78
C ASP B 333 20.10 14.19 7.99
N TRP B 334 19.91 14.98 6.94
CA TRP B 334 19.04 16.13 7.00
C TRP B 334 17.62 15.81 7.45
N ALA B 335 17.06 14.75 6.88
CA ALA B 335 15.70 14.31 7.19
C ALA B 335 15.57 14.03 8.68
N GLY B 336 16.66 13.44 9.25
CA GLY B 336 16.73 13.14 10.66
C GLY B 336 16.32 14.39 11.40
N VAL B 337 16.84 15.53 10.95
CA VAL B 337 16.48 16.79 11.56
C VAL B 337 14.96 16.95 11.45
N MET B 338 14.47 16.99 10.21
CA MET B 338 13.05 17.12 9.91
C MET B 338 12.21 16.20 10.78
N VAL B 339 12.60 14.94 10.76
CA VAL B 339 11.95 13.92 11.52
C VAL B 339 11.79 14.29 13.00
N TRP B 340 12.84 14.84 13.63
CA TRP B 340 12.77 15.21 15.08
C TRP B 340 11.86 16.40 15.18
N ASN B 341 11.81 17.18 14.12
CA ASN B 341 10.95 18.34 14.11
C ASN B 341 9.52 17.88 13.98
N MET B 342 9.35 16.82 13.20
CA MET B 342 8.04 16.21 13.00
C MET B 342 7.53 15.85 14.40
N ALA B 343 8.36 15.13 15.13
CA ALA B 343 8.01 14.70 16.48
C ALA B 343 7.70 15.91 17.36
N LEU B 344 8.44 16.98 17.13
CA LEU B 344 8.29 18.17 17.94
C LEU B 344 7.11 19.05 17.62
N PHE B 345 6.73 19.10 16.36
CA PHE B 345 5.62 19.95 15.99
C PHE B 345 4.29 19.25 15.71
N TYR B 346 4.37 17.96 15.36
CA TYR B 346 3.21 17.14 15.04
C TYR B 346 3.37 15.79 15.72
N PRO B 347 3.17 15.76 17.03
CA PRO B 347 3.32 14.49 17.72
C PRO B 347 2.19 13.53 17.38
N GLU B 348 1.01 14.10 17.13
CA GLU B 348 -0.21 13.34 16.79
C GLU B 348 0.01 12.41 15.63
N ARG B 349 0.57 12.94 14.55
CA ARG B 349 0.80 12.17 13.34
C ARG B 349 2.04 11.27 13.43
N VAL B 350 2.74 11.37 14.55
CA VAL B 350 3.94 10.59 14.72
C VAL B 350 3.73 9.48 15.72
N ARG B 351 3.71 8.25 15.23
CA ARG B 351 3.56 7.09 16.13
C ARG B 351 4.93 6.96 16.77
N ALA B 352 5.97 7.25 15.98
CA ALA B 352 7.33 7.16 16.46
C ALA B 352 8.29 7.94 15.60
N VAL B 353 9.52 8.07 16.13
CA VAL B 353 10.64 8.75 15.48
C VAL B 353 11.93 7.99 15.71
N ALA B 354 12.76 7.97 14.69
CA ALA B 354 14.05 7.32 14.76
C ALA B 354 14.97 8.24 13.95
N SER B 355 16.20 8.43 14.39
CA SER B 355 17.13 9.22 13.60
C SER B 355 18.40 8.43 13.53
N LEU B 356 19.04 8.44 12.38
CA LEU B 356 20.30 7.74 12.22
C LEU B 356 21.33 8.84 12.08
N ASN B 357 22.34 8.82 12.94
CA ASN B 357 23.39 9.83 12.92
C ASN B 357 22.97 11.20 13.47
N THR B 358 21.90 11.78 12.94
CA THR B 358 21.50 13.11 13.39
C THR B 358 20.90 13.20 14.78
N PRO B 359 21.55 13.96 15.64
CA PRO B 359 21.04 14.12 17.00
C PRO B 359 20.01 15.19 16.92
N PHE B 360 19.35 15.41 18.03
CA PHE B 360 18.34 16.44 18.08
C PHE B 360 19.13 17.61 18.64
N MET B 361 19.35 18.63 17.81
CA MET B 361 20.11 19.79 18.26
C MET B 361 19.32 21.10 18.24
N PRO B 362 18.48 21.32 19.26
CA PRO B 362 17.69 22.55 19.33
C PRO B 362 18.62 23.78 19.38
N PRO B 363 18.18 24.91 18.83
CA PRO B 363 18.98 26.14 18.81
C PRO B 363 18.94 26.94 20.10
N ASP B 364 19.94 27.82 20.25
CA ASP B 364 20.03 28.70 21.41
C ASP B 364 19.43 29.98 20.92
N PRO B 365 18.57 30.56 21.74
CA PRO B 365 17.86 31.80 21.50
C PRO B 365 18.79 33.00 21.41
N ASP B 366 19.83 32.98 22.23
CA ASP B 366 20.80 34.07 22.28
C ASP B 366 22.08 33.78 21.48
N VAL B 367 21.98 32.96 20.45
CA VAL B 367 23.14 32.61 19.64
C VAL B 367 22.77 32.49 18.17
N SER B 368 23.06 33.52 17.38
CA SER B 368 22.76 33.49 15.96
C SER B 368 23.15 32.10 15.45
N PRO B 369 22.23 31.44 14.72
CA PRO B 369 22.42 30.10 14.17
C PRO B 369 23.65 30.02 13.30
N MET B 370 23.83 31.05 12.51
CA MET B 370 24.95 31.17 11.59
C MET B 370 26.30 31.03 12.30
N LYS B 371 26.48 31.81 13.37
CA LYS B 371 27.72 31.80 14.13
C LYS B 371 28.10 30.40 14.59
N VAL B 372 27.13 29.60 14.97
CA VAL B 372 27.44 28.24 15.43
C VAL B 372 27.99 27.39 14.29
N ILE B 373 27.65 27.74 13.06
CA ILE B 373 28.18 26.98 11.94
C ILE B 373 29.59 27.50 11.69
N ARG B 374 29.73 28.83 11.71
CA ARG B 374 31.02 29.48 11.47
C ARG B 374 32.07 29.02 12.49
N SER B 375 31.61 28.78 13.71
CA SER B 375 32.49 28.31 14.76
C SER B 375 32.98 26.88 14.49
N ILE B 376 32.07 25.92 14.37
CA ILE B 376 32.47 24.53 14.12
C ILE B 376 33.30 24.42 12.85
N PRO B 377 34.52 23.90 12.97
CA PRO B 377 35.48 23.72 11.87
C PRO B 377 35.07 22.66 10.87
N VAL B 378 34.32 21.66 11.33
CA VAL B 378 33.89 20.58 10.46
C VAL B 378 32.58 20.86 9.73
N PHE B 379 32.14 22.12 9.74
CA PHE B 379 30.91 22.49 9.06
C PHE B 379 31.31 23.56 8.04
N ASN B 380 32.56 23.53 7.63
CA ASN B 380 33.01 24.51 6.66
C ASN B 380 32.21 24.36 5.36
N TYR B 381 32.10 23.11 4.91
CA TYR B 381 31.37 22.79 3.69
C TYR B 381 29.96 23.37 3.74
N GLN B 382 29.35 23.35 4.92
CA GLN B 382 28.02 23.89 5.08
C GLN B 382 28.00 25.34 4.66
N LEU B 383 29.12 26.02 4.87
CA LEU B 383 29.23 27.43 4.52
C LEU B 383 29.46 27.56 3.02
N TYR B 384 30.29 26.66 2.50
CA TYR B 384 30.55 26.60 1.07
C TYR B 384 29.19 26.60 0.40
N PHE B 385 28.39 25.56 0.70
CA PHE B 385 27.04 25.37 0.16
C PHE B 385 26.14 26.61 0.23
N GLN B 386 26.24 27.34 1.34
CA GLN B 386 25.45 28.54 1.56
C GLN B 386 25.28 29.46 0.36
N GLU B 387 26.19 29.37 -0.60
CA GLU B 387 26.11 30.24 -1.78
C GLU B 387 25.66 29.52 -3.04
N PRO B 388 24.48 29.93 -3.57
CA PRO B 388 23.72 29.52 -4.77
C PRO B 388 24.46 29.53 -6.11
N GLY B 389 24.44 28.40 -6.80
CA GLY B 389 25.08 28.26 -8.09
C GLY B 389 26.44 27.61 -7.98
N VAL B 390 27.14 28.00 -6.91
CA VAL B 390 28.49 27.56 -6.59
C VAL B 390 28.70 26.07 -6.33
N ALA B 391 28.20 25.58 -5.20
CA ALA B 391 28.34 24.17 -4.89
C ALA B 391 27.68 23.33 -6.01
N GLU B 392 26.56 23.84 -6.52
CA GLU B 392 25.81 23.16 -7.58
C GLU B 392 26.79 22.88 -8.68
N ALA B 393 27.30 23.96 -9.23
CA ALA B 393 28.25 23.92 -10.31
C ALA B 393 29.35 22.88 -10.10
N GLU B 394 29.86 22.77 -8.87
CA GLU B 394 30.92 21.82 -8.53
C GLU B 394 30.43 20.37 -8.56
N LEU B 395 29.40 20.10 -7.78
CA LEU B 395 28.84 18.77 -7.68
C LEU B 395 28.24 18.27 -8.99
N GLU B 396 27.55 19.15 -9.69
CA GLU B 396 26.95 18.76 -10.96
C GLU B 396 27.95 18.45 -12.10
N LYS B 397 29.06 19.21 -12.16
CA LYS B 397 30.11 19.07 -13.20
C LYS B 397 30.34 17.64 -13.72
N ASN B 398 30.66 16.71 -12.82
CA ASN B 398 30.82 15.32 -13.25
C ASN B 398 30.21 14.55 -12.08
N MET B 399 28.94 14.16 -12.26
CA MET B 399 28.19 13.45 -11.25
C MET B 399 28.82 12.11 -10.86
N SER B 400 29.45 11.43 -11.82
CA SER B 400 30.08 10.17 -11.49
C SER B 400 31.02 10.33 -10.28
N ARG B 401 32.02 11.21 -10.39
CA ARG B 401 32.95 11.45 -9.29
C ARG B 401 32.13 11.87 -8.08
N THR B 402 31.38 12.96 -8.21
CA THR B 402 30.57 13.47 -7.12
C THR B 402 29.98 12.41 -6.16
N PHE B 403 29.57 11.27 -6.68
CA PHE B 403 28.99 10.26 -5.81
C PHE B 403 30.01 9.27 -5.26
N LYS B 404 30.94 8.86 -6.11
CA LYS B 404 32.00 7.94 -5.71
C LYS B 404 32.73 8.60 -4.53
N SER B 405 32.78 9.93 -4.59
CA SER B 405 33.42 10.75 -3.57
C SER B 405 32.65 10.75 -2.27
N PHE B 406 31.38 11.14 -2.37
CA PHE B 406 30.49 11.19 -1.21
C PHE B 406 30.30 9.83 -0.54
N PHE B 407 29.91 8.82 -1.30
CA PHE B 407 29.67 7.49 -0.73
C PHE B 407 30.92 6.65 -0.72
N ARG B 408 31.49 6.55 0.47
CA ARG B 408 32.69 5.78 0.75
C ARG B 408 32.51 5.32 2.21
N ALA B 409 33.15 4.20 2.56
CA ALA B 409 33.05 3.65 3.91
C ALA B 409 33.77 4.52 4.90
N SER B 410 33.81 4.08 6.16
CA SER B 410 34.50 4.81 7.22
C SER B 410 36.01 4.55 7.11
N ASP B 411 36.36 3.41 6.52
CA ASP B 411 37.75 3.00 6.34
C ASP B 411 38.16 3.09 4.87
N GLU B 412 38.15 4.30 4.30
CA GLU B 412 38.50 4.47 2.89
C GLU B 412 39.01 5.89 2.64
N THR B 413 39.93 6.05 1.68
CA THR B 413 40.45 7.38 1.35
C THR B 413 39.55 7.99 0.25
N GLY B 414 40.00 9.07 -0.38
CA GLY B 414 39.23 9.72 -1.45
C GLY B 414 38.10 10.59 -0.93
N PHE B 415 38.19 10.93 0.35
CA PHE B 415 37.21 11.72 1.08
C PHE B 415 36.66 13.05 0.52
N ILE B 416 35.94 13.74 1.39
CA ILE B 416 35.30 15.01 1.09
C ILE B 416 35.91 16.07 2.03
N ALA B 417 36.15 17.28 1.49
CA ALA B 417 36.74 18.38 2.23
C ALA B 417 35.78 19.19 3.12
N VAL B 418 35.15 18.52 4.08
CA VAL B 418 34.21 19.17 4.99
C VAL B 418 34.81 20.33 5.78
N HIS B 419 36.11 20.18 6.07
CA HIS B 419 36.91 21.13 6.84
C HIS B 419 37.38 22.34 6.01
N LYS B 420 38.10 22.03 4.93
CA LYS B 420 38.67 23.05 4.05
C LYS B 420 37.77 23.77 3.06
N ALA B 421 36.96 23.01 2.34
CA ALA B 421 36.01 23.60 1.39
C ALA B 421 36.28 25.01 0.84
N THR B 422 35.85 26.01 1.60
CA THR B 422 35.93 27.43 1.23
C THR B 422 37.24 28.03 0.70
N GLU B 423 38.34 27.62 1.32
CA GLU B 423 39.68 28.07 0.95
C GLU B 423 40.01 27.63 -0.44
N ILE B 424 40.05 26.31 -0.59
CA ILE B 424 40.34 25.66 -1.86
C ILE B 424 39.23 25.82 -2.91
N GLY B 425 38.03 26.19 -2.48
CA GLY B 425 36.94 26.37 -3.42
C GLY B 425 36.27 25.08 -3.88
N GLY B 426 36.02 24.17 -2.95
CA GLY B 426 35.37 22.93 -3.31
C GLY B 426 35.53 21.88 -2.23
N ILE B 427 34.88 20.74 -2.41
CA ILE B 427 34.99 19.63 -1.46
C ILE B 427 35.69 18.53 -2.22
N LEU B 428 35.45 18.57 -3.54
CA LEU B 428 36.00 17.60 -4.49
C LEU B 428 37.22 18.23 -5.16
N VAL B 429 37.81 19.19 -4.46
CA VAL B 429 38.96 19.90 -4.95
C VAL B 429 40.25 19.12 -4.74
N ASN B 430 40.31 18.37 -3.64
CA ASN B 430 41.48 17.55 -3.33
C ASN B 430 41.23 16.07 -3.65
N THR B 431 40.07 15.81 -4.24
CA THR B 431 39.68 14.45 -4.63
C THR B 431 40.10 14.22 -6.08
N PRO B 432 40.49 12.98 -6.43
CA PRO B 432 40.89 12.72 -7.82
C PRO B 432 39.76 12.99 -8.82
N GLU B 433 39.92 12.52 -10.04
CA GLU B 433 38.87 12.70 -11.06
C GLU B 433 38.57 11.31 -11.61
N ASP B 434 38.60 10.33 -10.71
CA ASP B 434 38.38 8.94 -11.05
C ASP B 434 38.29 8.16 -9.75
N PRO B 435 37.72 8.76 -8.69
CA PRO B 435 37.65 8.03 -7.41
C PRO B 435 37.42 6.54 -7.57
N ASN B 436 38.35 5.74 -7.09
CA ASN B 436 38.18 4.30 -7.16
C ASN B 436 36.83 4.06 -6.47
N LEU B 437 35.89 3.44 -7.18
CA LEU B 437 34.55 3.18 -6.64
C LEU B 437 34.52 2.51 -5.25
N SER B 438 33.78 3.12 -4.32
CA SER B 438 33.69 2.61 -2.97
C SER B 438 33.30 1.15 -2.96
N LYS B 439 33.77 0.42 -1.95
CA LYS B 439 33.45 -1.00 -1.81
C LYS B 439 32.05 -1.08 -1.21
N ILE B 440 31.48 0.09 -1.00
CA ILE B 440 30.16 0.25 -0.39
C ILE B 440 29.03 0.40 -1.43
N THR B 441 29.39 0.71 -2.67
CA THR B 441 28.40 0.86 -3.73
C THR B 441 28.87 0.09 -4.97
N THR B 442 27.98 -0.03 -5.95
CA THR B 442 28.24 -0.73 -7.22
C THR B 442 28.06 0.30 -8.33
N GLU B 443 28.73 0.09 -9.46
CA GLU B 443 28.64 1.06 -10.54
C GLU B 443 27.18 1.30 -10.91
N GLU B 444 26.39 0.24 -10.75
CA GLU B 444 24.98 0.30 -11.07
C GLU B 444 24.27 1.17 -10.04
N GLU B 445 24.58 0.92 -8.78
CA GLU B 445 23.99 1.66 -7.68
C GLU B 445 24.33 3.13 -7.84
N ILE B 446 25.56 3.41 -8.24
CA ILE B 446 25.98 4.77 -8.43
C ILE B 446 25.15 5.38 -9.54
N GLU B 447 25.15 4.69 -10.69
CA GLU B 447 24.44 5.13 -11.88
C GLU B 447 23.00 5.51 -11.64
N PHE B 448 22.39 4.84 -10.66
CA PHE B 448 21.02 5.14 -10.32
C PHE B 448 20.99 6.59 -9.86
N TYR B 449 21.77 6.88 -8.83
CA TYR B 449 21.85 8.22 -8.27
C TYR B 449 22.13 9.29 -9.34
N ILE B 450 22.93 8.94 -10.34
CA ILE B 450 23.25 9.89 -11.39
C ILE B 450 22.00 10.29 -12.12
N GLN B 451 21.31 9.28 -12.63
CA GLN B 451 20.08 9.50 -13.38
C GLN B 451 19.09 10.25 -12.50
N GLN B 452 19.00 9.82 -11.26
CA GLN B 452 18.07 10.42 -10.30
C GLN B 452 18.32 11.90 -10.20
N PHE B 453 19.60 12.27 -10.06
CA PHE B 453 19.98 13.66 -9.92
C PHE B 453 20.06 14.39 -11.24
N LYS B 454 20.15 13.63 -12.33
CA LYS B 454 20.20 14.22 -13.66
C LYS B 454 18.88 14.92 -13.90
N LYS B 455 17.87 14.60 -13.09
CA LYS B 455 16.54 15.20 -13.21
C LYS B 455 16.32 16.45 -12.37
N THR B 456 16.97 16.53 -11.22
CA THR B 456 16.80 17.68 -10.33
C THR B 456 18.01 18.60 -10.19
N GLY B 457 19.17 18.12 -10.61
CA GLY B 457 20.37 18.92 -10.44
C GLY B 457 20.62 18.91 -8.93
N PHE B 458 21.20 19.98 -8.41
CA PHE B 458 21.48 20.00 -6.98
C PHE B 458 20.90 21.20 -6.27
N ARG B 459 20.36 22.15 -7.00
CA ARG B 459 19.85 23.31 -6.30
C ARG B 459 18.92 22.90 -5.19
N GLY B 460 17.78 22.34 -5.60
CA GLY B 460 16.78 21.92 -4.63
C GLY B 460 17.37 21.20 -3.45
N PRO B 461 18.15 20.13 -3.68
CA PRO B 461 18.74 19.41 -2.53
C PRO B 461 19.61 20.32 -1.64
N LEU B 462 20.39 21.18 -2.29
CA LEU B 462 21.29 22.06 -1.56
C LEU B 462 20.56 23.11 -0.71
N ASN B 463 19.43 23.57 -1.23
CA ASN B 463 18.65 24.61 -0.54
C ASN B 463 18.25 24.19 0.87
N TRP B 464 18.51 22.93 1.22
CA TRP B 464 18.20 22.40 2.56
C TRP B 464 19.06 23.14 3.58
N TYR B 465 20.29 23.38 3.17
CA TYR B 465 21.28 24.09 3.95
C TYR B 465 20.93 25.57 4.08
N ARG B 466 20.58 26.16 2.94
CA ARG B 466 20.25 27.57 2.83
C ARG B 466 19.04 28.14 3.59
N ASN B 467 18.66 27.56 4.73
CA ASN B 467 17.52 28.12 5.42
C ASN B 467 17.82 28.25 6.90
N THR B 468 19.11 28.21 7.17
CA THR B 468 19.72 28.34 8.50
C THR B 468 19.00 29.28 9.49
N GLU B 469 18.81 30.53 9.08
CA GLU B 469 18.18 31.55 9.90
C GLU B 469 16.77 31.26 10.33
N ARG B 470 15.87 31.26 9.35
CA ARG B 470 14.47 31.01 9.61
C ARG B 470 14.26 29.66 10.25
N ASN B 471 15.01 28.65 9.80
CA ASN B 471 14.89 27.34 10.42
C ASN B 471 15.08 27.60 11.91
N TRP B 472 16.14 28.32 12.24
CA TRP B 472 16.45 28.68 13.61
C TRP B 472 15.23 29.38 14.26
N LYS B 473 14.81 30.49 13.66
CA LYS B 473 13.67 31.24 14.19
C LYS B 473 12.45 30.37 14.50
N TRP B 474 12.16 29.44 13.58
CA TRP B 474 11.02 28.53 13.71
C TRP B 474 11.19 27.59 14.89
N SER B 475 12.19 26.72 14.82
CA SER B 475 12.48 25.76 15.89
C SER B 475 12.61 26.36 17.29
N CYS B 476 12.81 27.67 17.36
CA CYS B 476 12.95 28.31 18.65
C CYS B 476 11.59 28.34 19.34
N LYS B 477 10.56 28.01 18.58
CA LYS B 477 9.20 28.00 19.12
C LYS B 477 8.97 26.81 20.03
N GLY B 478 9.71 25.73 19.81
CA GLY B 478 9.52 24.56 20.65
C GLY B 478 10.57 24.33 21.70
N LEU B 479 11.29 25.39 22.06
CA LEU B 479 12.35 25.25 23.07
C LEU B 479 11.75 24.90 24.43
N GLY B 480 10.49 25.27 24.65
CA GLY B 480 9.84 24.97 25.91
C GLY B 480 9.10 23.62 25.88
N ARG B 481 9.35 22.83 24.86
CA ARG B 481 8.68 21.54 24.71
C ARG B 481 9.60 20.36 24.94
N LYS B 482 8.98 19.21 25.09
CA LYS B 482 9.73 17.99 25.28
C LYS B 482 9.22 17.01 24.23
N ILE B 483 10.07 16.06 23.89
CA ILE B 483 9.68 15.05 22.94
C ILE B 483 9.32 13.81 23.76
N LEU B 484 8.00 13.59 23.84
CA LEU B 484 7.45 12.49 24.63
C LEU B 484 7.00 11.23 23.89
N VAL B 485 6.71 11.35 22.59
CA VAL B 485 6.34 10.18 21.79
C VAL B 485 7.60 9.30 21.69
N PRO B 486 7.45 8.00 21.43
CA PRO B 486 8.62 7.10 21.34
C PRO B 486 9.74 7.54 20.39
N ALA B 487 10.96 7.64 20.91
CA ALA B 487 12.10 8.03 20.09
C ALA B 487 13.26 7.05 20.20
N LEU B 488 14.07 7.01 19.15
CA LEU B 488 15.23 6.11 19.13
C LEU B 488 16.35 6.83 18.39
N MET B 489 17.51 6.95 19.03
CA MET B 489 18.66 7.61 18.41
C MET B 489 19.75 6.60 18.19
N VAL B 490 20.17 6.51 16.96
CA VAL B 490 21.22 5.58 16.62
C VAL B 490 22.38 6.43 16.14
N THR B 491 23.51 6.16 16.77
CA THR B 491 24.73 6.88 16.46
C THR B 491 25.73 5.98 15.74
N ALA B 492 26.54 6.60 14.88
CA ALA B 492 27.58 5.93 14.10
C ALA B 492 28.96 6.35 14.66
N GLU B 493 29.73 5.39 15.15
CA GLU B 493 31.04 5.63 15.72
C GLU B 493 31.90 6.61 14.93
N LYS B 494 32.25 6.27 13.68
CA LYS B 494 33.13 7.12 12.85
C LYS B 494 32.51 8.13 11.86
N ASP B 495 31.40 8.74 12.24
CA ASP B 495 30.78 9.71 11.35
C ASP B 495 31.43 11.01 11.72
N ILE B 496 32.31 11.47 10.83
CA ILE B 496 33.06 12.69 11.02
C ILE B 496 32.14 13.84 11.43
N VAL B 497 31.34 14.40 10.53
CA VAL B 497 30.42 15.46 10.98
C VAL B 497 29.26 14.64 11.46
N LEU B 498 28.55 15.09 12.50
CA LEU B 498 27.44 14.28 13.04
C LEU B 498 28.11 13.14 13.81
N ARG B 499 28.85 13.50 14.85
CA ARG B 499 29.55 12.51 15.65
C ARG B 499 28.70 12.14 16.86
N PRO B 500 28.79 10.88 17.31
CA PRO B 500 28.00 10.48 18.49
C PRO B 500 27.97 11.55 19.57
N GLU B 501 29.14 12.05 19.93
CA GLU B 501 29.30 13.09 20.96
C GLU B 501 28.24 14.21 20.93
N MET B 502 27.80 14.59 19.73
CA MET B 502 26.81 15.67 19.58
C MET B 502 25.41 15.38 20.11
N SER B 503 25.25 14.22 20.77
CA SER B 503 23.94 13.84 21.29
C SER B 503 23.84 13.63 22.81
N LYS B 504 24.99 13.59 23.51
CA LYS B 504 24.98 13.36 24.95
C LYS B 504 23.90 14.10 25.75
N ASN B 505 23.58 15.33 25.34
CA ASN B 505 22.57 16.10 26.07
C ASN B 505 21.15 15.98 25.51
N MET B 506 20.94 15.02 24.60
CA MET B 506 19.63 14.79 23.97
C MET B 506 18.48 14.49 24.94
N GLU B 507 18.73 13.62 25.91
CA GLU B 507 17.70 13.28 26.88
C GLU B 507 17.20 14.48 27.70
N LYS B 508 17.91 15.60 27.61
CA LYS B 508 17.49 16.78 28.35
C LYS B 508 16.09 17.13 27.85
N TRP B 509 15.89 16.85 26.56
CA TRP B 509 14.67 17.12 25.83
C TRP B 509 13.82 15.88 25.57
N ILE B 510 14.51 14.79 25.30
CA ILE B 510 13.89 13.53 24.97
C ILE B 510 14.18 12.46 26.01
N PRO B 511 13.45 12.48 27.12
CA PRO B 511 13.75 11.42 28.11
C PRO B 511 13.27 10.11 27.48
N PHE B 512 13.53 8.99 28.15
CA PHE B 512 13.10 7.70 27.61
C PHE B 512 13.66 7.44 26.23
N LEU B 513 14.38 8.41 25.68
CA LEU B 513 14.98 8.26 24.37
C LEU B 513 15.79 6.96 24.38
N LYS B 514 15.34 5.94 23.66
CA LYS B 514 16.05 4.66 23.58
C LYS B 514 17.20 4.92 22.63
N ARG B 515 18.23 4.08 22.67
CA ARG B 515 19.39 4.29 21.82
C ARG B 515 20.05 3.07 21.19
N GLY B 516 20.70 3.32 20.07
CA GLY B 516 21.43 2.27 19.39
C GLY B 516 22.74 2.88 18.96
N HIS B 517 23.75 2.03 18.77
CA HIS B 517 25.05 2.50 18.33
C HIS B 517 25.77 1.49 17.45
N ILE B 518 26.14 1.88 16.23
CA ILE B 518 26.87 0.99 15.33
C ILE B 518 28.35 1.41 15.31
N GLU B 519 29.27 0.44 15.49
CA GLU B 519 30.72 0.71 15.50
C GLU B 519 31.26 0.71 14.07
N ASP B 520 32.56 0.99 13.88
CA ASP B 520 33.18 1.03 12.54
C ASP B 520 32.25 1.53 11.42
N CYS B 521 31.36 2.46 11.76
CA CYS B 521 30.41 2.98 10.80
C CYS B 521 30.54 4.47 10.52
N GLY B 522 30.47 4.82 9.23
CA GLY B 522 30.56 6.20 8.78
C GLY B 522 29.23 6.90 8.68
N HIS B 523 29.14 7.87 7.78
CA HIS B 523 27.91 8.65 7.61
C HIS B 523 26.75 7.88 6.98
N TRP B 524 27.08 7.16 5.91
CA TRP B 524 26.12 6.38 5.16
C TRP B 524 25.82 5.11 5.91
N THR B 525 25.19 5.29 7.07
CA THR B 525 24.83 4.23 7.99
C THR B 525 24.13 3.06 7.32
N GLN B 526 23.01 3.37 6.66
CA GLN B 526 22.17 2.39 5.96
C GLN B 526 22.98 1.57 4.96
N ILE B 527 23.57 2.25 3.98
CA ILE B 527 24.36 1.56 2.95
C ILE B 527 25.57 0.84 3.52
N GLU B 528 26.16 1.40 4.58
CA GLU B 528 27.36 0.82 5.16
C GLU B 528 27.22 -0.33 6.14
N LYS B 529 26.23 -0.29 7.01
CA LYS B 529 26.02 -1.36 7.97
C LYS B 529 24.52 -1.62 8.06
N PRO B 530 23.93 -2.09 6.97
CA PRO B 530 22.49 -2.39 6.80
C PRO B 530 21.93 -3.46 7.72
N THR B 531 22.57 -4.61 7.73
CA THR B 531 22.11 -5.70 8.54
C THR B 531 21.98 -5.29 10.00
N GLU B 532 22.96 -4.52 10.47
CA GLU B 532 22.94 -4.06 11.86
C GLU B 532 21.86 -3.00 11.97
N VAL B 533 21.75 -2.15 10.97
CA VAL B 533 20.73 -1.11 10.97
C VAL B 533 19.37 -1.77 11.10
N ASN B 534 19.18 -2.82 10.31
CA ASN B 534 17.91 -3.52 10.31
C ASN B 534 17.65 -4.14 11.68
N GLN B 535 18.53 -5.05 12.10
CA GLN B 535 18.39 -5.70 13.40
C GLN B 535 17.81 -4.72 14.40
N ILE B 536 18.52 -3.60 14.56
CA ILE B 536 18.16 -2.54 15.50
C ILE B 536 16.80 -1.92 15.29
N LEU B 537 16.56 -1.46 14.07
CA LEU B 537 15.30 -0.80 13.75
C LEU B 537 14.13 -1.72 14.01
N ILE B 538 14.28 -2.99 13.65
CA ILE B 538 13.20 -3.93 13.86
C ILE B 538 12.98 -4.12 15.36
N LYS B 539 14.01 -4.61 16.06
CA LYS B 539 13.91 -4.84 17.48
C LYS B 539 13.18 -3.68 18.13
N TRP B 540 13.56 -2.48 17.73
CA TRP B 540 12.95 -1.28 18.27
C TRP B 540 11.46 -1.27 17.94
N LEU B 541 11.13 -1.39 16.66
CA LEU B 541 9.73 -1.39 16.24
C LEU B 541 8.94 -2.49 16.94
N GLN B 542 9.50 -3.70 17.01
CA GLN B 542 8.83 -4.80 17.66
C GLN B 542 8.59 -4.43 19.12
N THR B 543 9.67 -4.11 19.83
CA THR B 543 9.60 -3.76 21.25
C THR B 543 8.74 -2.57 21.62
N GLU B 544 8.62 -1.56 20.73
CA GLU B 544 7.80 -0.36 21.00
C GLU B 544 7.08 0.20 19.76
C1 CPU C . -22.15 -11.13 -16.79
C2 CPU C . -21.67 -12.45 -16.55
C3 CPU C . -20.28 -12.68 -16.54
C4 CPU C . -19.39 -11.59 -16.76
C5 CPU C . -19.88 -10.26 -17.01
C6 CPU C . -21.25 -10.02 -17.02
N1 CPU C . -21.96 -5.21 -18.62
C7 CPU C . -21.87 -8.65 -17.26
C8 CPU C . -21.20 -7.54 -18.03
C9 CPU C . -22.27 -6.47 -17.97
C10 CPU C . -22.87 -4.22 -18.66
O1 CPU C . -22.52 -3.17 -19.23
N2 CPU C . -24.13 -4.36 -18.13
C11 CPU C . -25.22 -3.33 -18.14
C12 CPU C . -26.57 -4.01 -17.73
C13 CPU C . -27.80 -3.00 -17.72
C14 CPU C . -27.94 -2.17 -19.08
C15 CPU C . -26.55 -1.59 -19.59
C16 CPU C . -25.38 -2.67 -19.56
C1 CPU D . 24.30 18.94 9.83
C2 CPU D . 23.47 19.77 10.64
C3 CPU D . 22.06 19.75 10.43
C4 CPU D . 21.49 18.90 9.42
C5 CPU D . 22.31 18.07 8.60
C6 CPU D . 23.72 18.08 8.81
N1 CPU D . 26.15 16.06 4.71
C7 CPU D . 24.68 17.20 7.99
C8 CPU D . 24.70 17.22 6.44
C9 CPU D . 25.83 16.28 6.12
C10 CPU D . 27.20 15.24 4.39
O1 CPU D . 27.41 15.10 3.17
N2 CPU D . 27.97 14.62 5.37
C11 CPU D . 29.14 13.70 5.23
C12 CPU D . 30.11 13.95 6.44
C13 CPU D . 31.42 13.07 6.46
C14 CPU D . 32.13 12.99 5.05
C15 CPU D . 31.13 12.85 3.81
C16 CPU D . 29.92 13.88 3.89
#